data_4XP6
#
_entry.id   4XP6
#
_cell.length_a   97.040
_cell.length_b   141.370
_cell.length_c   165.680
_cell.angle_alpha   90.00
_cell.angle_beta   90.00
_cell.angle_gamma   90.00
#
_symmetry.space_group_name_H-M   'P 21 21 21'
#
loop_
_entity.id
_entity.type
_entity.pdbx_description
1 polymer Transporter
2 polymer 'Antibody fragment heavy chain-protein, 9D5-heavy chain'
3 polymer 'Antibody fragment light chain-protein, 9D5-light chain'
4 branched alpha-D-glucopyranose-(1-4)-alpha-D-glucopyranose
5 non-polymer (2S)-N-methyl-1-phenylpropan-2-amine
6 non-polymer 'SODIUM ION'
7 non-polymer 'CHLORIDE ION'
8 non-polymer 2-acetamido-2-deoxy-beta-D-glucopyranose
9 non-polymer CHOLESTEROL
10 non-polymer 'CHOLESTEROL HEMISUCCINATE'
11 water water
#
loop_
_entity_poly.entity_id
_entity_poly.type
_entity_poly.pdbx_seq_one_letter_code
_entity_poly.pdbx_strand_id
1 'polypeptide(L)'
;DERETWSGKVDFLLSVIGFAVDLANVWRFPYLCYKNGGGAFLVPYGIMLAVGGIPLFYMELALGQHNRKGAITCWGRLVP
LFKGIGYAVVLIAFYVDFYYNVIIAWSLRFFFASFTNSLPWTSCNNIWNTPNCRPFEGHVEGFQSAASEYFNRYILELNR
SEGIHDLGAIKWDMALCLLIVYLICYFSLWKGISTSGKVVWFTALFPYAVLLILLIRGLTLPGSFLGIQYYLTPNFSAIY
KAEVWVDAATQVFFSLGPGFGVLLAYASYNKYHNNVYKDALLTSFINSATSFIAGFVIFSVLGYMAHTLGVRIEDVATEG
PGLVFVVYPAAIATMPASTFWALIFFMMLATLGLDSSFGGSEAIITALSDEFPKIKRNRELFVAGLFSLYFVVGLASCTQ
GGFYFFHLLDRYAAGYSILVAVFFEAIAVSWIYGTNRFSEDIRDMIGFPPGRYWQVCWRFVAPIFLLFITVYGLIGYEPL
TYADYVYPSWANALGWCIAGSSVVMIPAVAIFKLLSTPGSLRQRFTILTTPWRD
;
A
2 'polypeptide(L)'
;ENVLTQSPAIMSTSPGEKVTMTCRASSSVGSSYLHWYQQKSGASPKLWIYSTSNLASGVPARFSGSGSGTSYSLTISSVE
AEDAATYYCQQFSGYPLTFGSGTKLEMKRADAAPTVSIFPPSSEQLTSGGASVVCFLNNFYPKDINVKWKIDGSERQNGV
LNSWTDQDSKDSTYSMSSTLTLTKDEYERHNSYTCEATHKTSTSPIVKSFNRN
;
L
3 'polypeptide(L)'
;EVQLVESGGGLVKPGGSLKLSCAASGFTFSSYAMSWVRQSPEKRLEWVAEISSGGRYIYYSDTVTGRFTISRDNARNILH
LEMSSLRSEDTAMYYCARGEVRQRGFDYWGQGTTLTVSSAKTTAPSVYPLAPVCGDTTGSSVTLGCLVKGYFPEPVTLTW
NSGSLSSGVHTFPAVLQSDLYTLSSSVTVTSSTWPSQSITCNVAHPASSTKVDKKIEPR
;
H
#
loop_
_chem_comp.id
_chem_comp.type
_chem_comp.name
_chem_comp.formula
B40 non-polymer (2S)-N-methyl-1-phenylpropan-2-amine 'C10 H15 N'
CL non-polymer 'CHLORIDE ION' 'Cl -1'
CLR non-polymer CHOLESTEROL 'C27 H46 O'
GLC D-saccharide, alpha linking alpha-D-glucopyranose 'C6 H12 O6'
NA non-polymer 'SODIUM ION' 'Na 1'
NAG D-saccharide, beta linking 2-acetamido-2-deoxy-beta-D-glucopyranose 'C8 H15 N O6'
Y01 non-polymer 'CHOLESTEROL HEMISUCCINATE' 'C31 H50 O4'
#
# COMPACT_ATOMS: atom_id res chain seq x y z
N ASP A 1 -7.58 0.60 19.84
CA ASP A 1 -7.61 2.00 20.26
C ASP A 1 -7.41 2.15 21.77
N GLU A 2 -6.32 2.78 22.15
CA GLU A 2 -5.33 3.26 21.18
C GLU A 2 -3.92 2.96 21.69
N ARG A 3 -2.92 3.41 20.94
CA ARG A 3 -1.53 3.10 21.27
C ARG A 3 -0.62 4.29 21.03
N GLU A 4 0.48 4.34 21.79
CA GLU A 4 1.47 5.40 21.63
C GLU A 4 2.10 5.31 20.25
N THR A 5 2.57 6.44 19.74
CA THR A 5 3.10 6.48 18.38
C THR A 5 4.46 7.19 18.32
N TRP A 6 5.10 7.06 17.17
CA TRP A 6 6.42 7.65 16.93
C TRP A 6 6.36 9.18 16.91
N SER A 7 7.53 9.78 17.04
CA SER A 7 7.69 11.23 17.11
C SER A 7 7.78 11.74 15.69
N GLY A 8 7.50 10.84 14.75
CA GLY A 8 7.69 11.05 13.33
C GLY A 8 8.78 10.19 12.72
N LYS A 9 8.65 9.97 11.42
CA LYS A 9 9.31 8.88 10.70
C LYS A 9 10.81 8.72 10.94
N VAL A 10 11.53 9.83 10.98
CA VAL A 10 12.99 9.77 11.09
C VAL A 10 13.42 9.03 12.36
N ASP A 11 12.59 9.11 13.40
CA ASP A 11 12.85 8.38 14.63
C ASP A 11 12.77 6.87 14.41
N PHE A 12 11.70 6.44 13.76
CA PHE A 12 11.50 5.02 13.46
C PHE A 12 12.61 4.49 12.56
N LEU A 13 12.86 5.19 11.46
CA LEU A 13 13.89 4.78 10.51
C LEU A 13 15.26 4.65 11.17
N LEU A 14 15.63 5.63 11.97
CA LEU A 14 16.92 5.62 12.65
C LEU A 14 16.99 4.53 13.70
N SER A 15 15.85 4.19 14.28
CA SER A 15 15.78 3.10 15.24
C SER A 15 15.98 1.76 14.54
N VAL A 16 15.40 1.62 13.36
CA VAL A 16 15.54 0.41 12.57
C VAL A 16 16.91 0.34 11.92
N ILE A 17 17.35 1.45 11.34
CA ILE A 17 18.69 1.54 10.78
C ILE A 17 19.73 1.34 11.88
N GLY A 18 19.42 1.87 13.06
CA GLY A 18 20.30 1.73 14.21
C GLY A 18 20.42 0.30 14.67
N PHE A 19 19.28 -0.36 14.84
CA PHE A 19 19.26 -1.75 15.28
C PHE A 19 19.92 -2.67 14.25
N ALA A 20 19.64 -2.42 12.97
CA ALA A 20 20.11 -3.29 11.90
C ALA A 20 21.62 -3.20 11.72
N VAL A 21 22.18 -2.01 11.91
CA VAL A 21 23.61 -1.81 11.71
C VAL A 21 24.40 -2.01 13.00
N ASP A 22 25.25 -3.02 13.02
CA ASP A 22 26.08 -3.33 14.18
C ASP A 22 27.48 -3.74 13.76
N LEU A 23 28.27 -4.21 14.72
CA LEU A 23 29.65 -4.60 14.47
C LEU A 23 29.76 -5.71 13.42
N ALA A 24 28.68 -6.47 13.25
CA ALA A 24 28.64 -7.51 12.23
C ALA A 24 28.77 -6.92 10.83
N ASN A 25 28.33 -5.67 10.68
CA ASN A 25 28.49 -4.96 9.42
C ASN A 25 29.94 -4.60 9.18
N VAL A 26 30.74 -4.64 10.24
CA VAL A 26 32.13 -4.21 10.17
C VAL A 26 33.10 -5.40 10.16
N TRP A 27 33.10 -6.17 11.25
CA TRP A 27 34.09 -7.23 11.42
C TRP A 27 33.73 -8.54 10.73
N ARG A 28 32.56 -8.60 10.10
CA ARG A 28 32.07 -9.85 9.51
C ARG A 28 32.00 -9.78 7.98
N PHE A 29 31.14 -8.90 7.47
CA PHE A 29 30.89 -8.78 6.03
C PHE A 29 32.17 -8.66 5.20
N PRO A 30 33.03 -7.69 5.52
CA PRO A 30 34.29 -7.51 4.79
C PRO A 30 35.15 -8.77 4.78
N TYR A 31 35.15 -9.51 5.89
CA TYR A 31 35.90 -10.75 5.98
C TYR A 31 35.36 -11.79 5.02
N LEU A 32 34.04 -11.92 4.97
CA LEU A 32 33.40 -12.89 4.09
C LEU A 32 33.72 -12.62 2.63
N CYS A 33 33.76 -11.35 2.25
CA CYS A 33 34.11 -10.97 0.89
C CYS A 33 35.54 -11.39 0.58
N TYR A 34 36.43 -11.18 1.55
CA TYR A 34 37.83 -11.57 1.42
C TYR A 34 37.97 -13.09 1.29
N LYS A 35 37.30 -13.81 2.19
CA LYS A 35 37.36 -15.26 2.22
C LYS A 35 36.69 -15.90 1.02
N ASN A 36 35.60 -15.30 0.57
CA ASN A 36 34.75 -15.86 -0.49
C ASN A 36 35.16 -15.38 -1.89
N GLY A 37 36.27 -14.67 -1.96
CA GLY A 37 36.80 -14.17 -3.23
C GLY A 37 36.19 -12.90 -3.78
N GLY A 38 35.97 -11.92 -2.90
CA GLY A 38 35.71 -10.56 -3.32
C GLY A 38 34.31 -10.25 -3.81
N GLY A 39 34.23 -9.34 -4.78
CA GLY A 39 32.95 -8.88 -5.30
C GLY A 39 32.11 -9.99 -5.87
N ALA A 40 32.74 -11.13 -6.14
CA ALA A 40 32.02 -12.31 -6.58
C ALA A 40 31.09 -12.79 -5.47
N PHE A 41 31.50 -12.56 -4.22
CA PHE A 41 30.69 -12.95 -3.07
C PHE A 41 29.39 -12.14 -3.01
N LEU A 42 29.41 -10.97 -3.66
CA LEU A 42 28.22 -10.13 -3.70
C LEU A 42 27.07 -10.82 -4.43
N VAL A 43 27.41 -11.69 -5.37
CA VAL A 43 26.41 -12.42 -6.14
C VAL A 43 25.54 -13.30 -5.26
N PRO A 44 26.16 -14.23 -4.52
CA PRO A 44 25.39 -15.07 -3.59
C PRO A 44 24.82 -14.26 -2.44
N TYR A 45 25.53 -13.18 -2.08
CA TYR A 45 25.08 -12.28 -1.04
C TYR A 45 23.80 -11.55 -1.46
N GLY A 46 23.85 -10.94 -2.63
CA GLY A 46 22.70 -10.20 -3.15
C GLY A 46 21.50 -11.09 -3.41
N ILE A 47 21.76 -12.29 -3.93
CA ILE A 47 20.70 -13.24 -4.22
C ILE A 47 20.05 -13.72 -2.93
N MET A 48 20.86 -14.16 -1.97
CA MET A 48 20.36 -14.60 -0.67
C MET A 48 19.66 -13.46 0.07
N LEU A 49 20.08 -12.23 -0.23
CA LEU A 49 19.49 -11.06 0.39
C LEU A 49 18.13 -10.75 -0.22
N ALA A 50 18.04 -10.86 -1.54
CA ALA A 50 16.80 -10.54 -2.23
C ALA A 50 15.68 -11.54 -1.97
N VAL A 51 15.94 -12.82 -2.23
CA VAL A 51 14.91 -13.83 -2.02
C VAL A 51 14.67 -14.15 -0.54
N GLY A 52 15.72 -14.53 0.18
CA GLY A 52 15.59 -14.88 1.59
C GLY A 52 15.52 -13.77 2.61
N GLY A 53 16.45 -12.82 2.53
CA GLY A 53 16.67 -11.87 3.61
C GLY A 53 15.69 -10.71 3.76
N ILE A 54 15.43 -10.01 2.67
CA ILE A 54 14.55 -8.85 2.70
C ILE A 54 13.09 -9.21 2.96
N PRO A 55 12.57 -10.21 2.23
CA PRO A 55 11.18 -10.67 2.43
C PRO A 55 10.88 -11.01 3.89
N LEU A 56 11.86 -11.55 4.60
CA LEU A 56 11.71 -11.83 6.01
C LEU A 56 11.75 -10.52 6.81
N PHE A 57 12.62 -9.61 6.38
CA PHE A 57 12.73 -8.29 6.99
C PHE A 57 11.45 -7.49 6.75
N TYR A 58 10.98 -7.54 5.50
CA TYR A 58 9.73 -6.90 5.09
C TYR A 58 8.56 -7.45 5.90
N MET A 59 8.50 -8.77 6.03
CA MET A 59 7.38 -9.44 6.69
C MET A 59 7.17 -8.98 8.13
N GLU A 60 8.24 -9.00 8.92
CA GLU A 60 8.15 -8.63 10.33
C GLU A 60 7.73 -7.18 10.52
N LEU A 61 8.31 -6.28 9.72
CA LEU A 61 7.96 -4.86 9.77
C LEU A 61 6.51 -4.63 9.35
N ALA A 62 5.99 -5.53 8.53
CA ALA A 62 4.63 -5.39 8.01
C ALA A 62 3.59 -5.72 9.09
N LEU A 63 3.55 -6.98 9.51
CA LEU A 63 2.59 -7.41 10.52
C LEU A 63 2.93 -6.82 11.88
N GLY A 64 4.13 -6.28 12.01
CA GLY A 64 4.52 -5.56 13.21
C GLY A 64 3.74 -4.27 13.31
N GLN A 65 3.64 -3.57 12.19
CA GLN A 65 2.87 -2.33 12.11
C GLN A 65 1.37 -2.60 12.03
N HIS A 66 1.02 -3.71 11.38
CA HIS A 66 -0.38 -4.05 11.16
C HIS A 66 -1.13 -4.37 12.46
N ASN A 67 -0.60 -5.31 13.24
CA ASN A 67 -1.25 -5.72 14.48
C ASN A 67 -1.00 -4.72 15.60
N ARG A 68 0.07 -3.93 15.45
CA ARG A 68 0.36 -2.83 16.37
C ARG A 68 0.58 -3.29 17.82
N LYS A 69 1.23 -4.43 17.99
CA LYS A 69 1.52 -4.93 19.34
C LYS A 69 2.77 -5.79 19.40
N GLY A 70 3.26 -5.99 20.62
CA GLY A 70 4.48 -6.75 20.85
C GLY A 70 4.42 -8.18 20.35
N ALA A 71 5.60 -8.79 20.19
CA ALA A 71 5.73 -10.13 19.62
C ALA A 71 4.83 -11.17 20.28
N ILE A 72 4.72 -11.12 21.60
CA ILE A 72 3.90 -12.08 22.32
C ILE A 72 2.42 -11.98 21.93
N THR A 73 1.86 -10.78 22.09
CA THR A 73 0.45 -10.55 21.75
C THR A 73 0.22 -10.65 20.25
N CYS A 74 1.20 -10.21 19.48
CA CYS A 74 1.07 -10.18 18.02
C CYS A 74 0.84 -11.58 17.45
N TRP A 75 1.65 -12.54 17.87
CA TRP A 75 1.49 -13.92 17.42
C TRP A 75 0.31 -14.58 18.13
N GLY A 76 -0.05 -14.04 19.29
CA GLY A 76 -1.21 -14.52 20.02
C GLY A 76 -2.49 -14.13 19.30
N ARG A 77 -2.49 -12.93 18.72
CA ARG A 77 -3.64 -12.44 17.97
C ARG A 77 -3.61 -12.93 16.53
N LEU A 78 -2.47 -13.48 16.11
CA LEU A 78 -2.30 -13.95 14.74
C LEU A 78 -2.62 -15.45 14.66
N VAL A 79 -1.78 -16.26 15.30
CA VAL A 79 -2.00 -17.70 15.41
C VAL A 79 -1.82 -18.14 16.86
N PRO A 80 -2.90 -18.11 17.65
CA PRO A 80 -2.87 -18.37 19.10
C PRO A 80 -2.19 -19.68 19.48
N LEU A 81 -2.17 -20.63 18.54
CA LEU A 81 -1.48 -21.90 18.77
C LEU A 81 0.03 -21.67 18.79
N PHE A 82 0.48 -20.74 17.96
CA PHE A 82 1.90 -20.44 17.80
C PHE A 82 2.38 -19.29 18.69
N LYS A 83 1.51 -18.83 19.57
CA LYS A 83 1.84 -17.73 20.48
C LYS A 83 3.18 -17.96 21.19
N GLY A 84 3.50 -19.23 21.44
CA GLY A 84 4.78 -19.59 22.02
C GLY A 84 5.96 -19.03 21.23
N ILE A 85 5.76 -18.82 19.93
CA ILE A 85 6.78 -18.19 19.09
C ILE A 85 7.18 -16.82 19.63
N GLY A 86 6.17 -16.04 20.03
CA GLY A 86 6.42 -14.74 20.60
C GLY A 86 7.23 -14.83 21.89
N TYR A 87 6.93 -15.85 22.68
CA TYR A 87 7.66 -16.10 23.92
C TYR A 87 9.11 -16.47 23.63
N ALA A 88 9.30 -17.37 22.67
CA ALA A 88 10.64 -17.80 22.27
C ALA A 88 11.46 -16.62 21.79
N VAL A 89 10.89 -15.86 20.86
CA VAL A 89 11.55 -14.69 20.28
C VAL A 89 11.99 -13.68 21.33
N VAL A 90 11.13 -13.45 22.32
CA VAL A 90 11.43 -12.46 23.36
C VAL A 90 12.58 -12.89 24.25
N LEU A 91 12.56 -14.14 24.71
CA LEU A 91 13.57 -14.61 25.65
C LEU A 91 14.89 -14.92 24.93
N ILE A 92 14.84 -15.01 23.60
CA ILE A 92 16.06 -15.10 22.81
C ILE A 92 16.81 -13.79 22.89
N ALA A 93 16.09 -12.70 22.67
CA ALA A 93 16.67 -11.37 22.78
C ALA A 93 17.06 -11.09 24.23
N PHE A 94 16.42 -11.83 25.15
CA PHE A 94 16.73 -11.73 26.57
C PHE A 94 18.11 -12.33 26.85
N TYR A 95 18.40 -13.45 26.22
CA TYR A 95 19.69 -14.11 26.37
C TYR A 95 20.82 -13.28 25.74
N VAL A 96 20.51 -12.65 24.62
CA VAL A 96 21.50 -11.88 23.87
C VAL A 96 22.03 -10.69 24.67
N ASP A 97 21.15 -10.05 25.44
CA ASP A 97 21.53 -8.88 26.21
C ASP A 97 22.45 -9.23 27.37
N PHE A 98 22.49 -10.52 27.73
CA PHE A 98 23.38 -10.99 28.79
C PHE A 98 24.84 -10.92 28.37
N TYR A 99 25.08 -11.01 27.08
CA TYR A 99 26.43 -11.04 26.52
C TYR A 99 26.69 -9.82 25.63
N TYR A 100 25.89 -9.67 24.59
CA TYR A 100 26.11 -8.67 23.53
C TYR A 100 26.47 -7.28 24.07
N ASN A 101 25.83 -6.87 25.16
CA ASN A 101 26.16 -5.59 25.80
C ASN A 101 27.62 -5.50 26.25
N VAL A 102 28.26 -6.66 26.42
CA VAL A 102 29.65 -6.69 26.85
C VAL A 102 30.59 -6.08 25.80
N ILE A 103 30.24 -6.29 24.53
CA ILE A 103 31.02 -5.74 23.43
C ILE A 103 31.07 -4.22 23.49
N ILE A 104 29.96 -3.61 23.86
CA ILE A 104 29.89 -2.16 24.02
C ILE A 104 30.78 -1.72 25.18
N ALA A 105 30.79 -2.53 26.24
CA ALA A 105 31.62 -2.26 27.40
C ALA A 105 33.10 -2.27 27.04
N TRP A 106 33.52 -3.30 26.30
CA TRP A 106 34.89 -3.39 25.83
C TRP A 106 35.27 -2.17 25.01
N SER A 107 34.32 -1.70 24.21
CA SER A 107 34.52 -0.50 23.39
C SER A 107 34.75 0.71 24.28
N LEU A 108 33.98 0.81 25.35
CA LEU A 108 34.13 1.90 26.31
C LEU A 108 35.45 1.78 27.08
N ARG A 109 35.86 0.54 27.32
CA ARG A 109 37.11 0.28 28.04
C ARG A 109 38.31 0.74 27.22
N PHE A 110 38.30 0.40 25.93
CA PHE A 110 39.36 0.83 25.02
C PHE A 110 39.29 2.33 24.79
N PHE A 111 38.09 2.89 24.92
CA PHE A 111 37.88 4.31 24.77
C PHE A 111 38.56 5.09 25.89
N PHE A 112 38.46 4.56 27.11
CA PHE A 112 39.05 5.20 28.28
C PHE A 112 40.57 5.12 28.25
N ALA A 113 41.09 4.00 27.76
CA ALA A 113 42.53 3.77 27.76
C ALA A 113 43.21 4.41 26.55
N SER A 114 42.41 4.93 25.64
CA SER A 114 42.93 5.53 24.42
C SER A 114 43.10 7.04 24.53
N PHE A 115 42.79 7.59 25.70
CA PHE A 115 42.96 9.02 25.95
C PHE A 115 44.42 9.45 25.78
N THR A 116 45.32 8.58 26.20
CA THR A 116 46.76 8.87 26.20
C THR A 116 47.43 8.83 24.82
N ASN A 117 48.60 9.46 24.77
CA ASN A 117 49.59 9.31 23.71
C ASN A 117 50.22 7.94 23.91
N SER A 118 51.11 7.54 23.00
CA SER A 118 51.81 6.26 23.09
C SER A 118 50.87 5.14 23.55
N LEU A 119 49.90 4.81 22.71
CA LEU A 119 48.84 3.87 23.09
C LEU A 119 49.41 2.57 23.64
N PRO A 120 48.83 2.06 24.73
CA PRO A 120 49.37 0.93 25.51
C PRO A 120 49.60 -0.34 24.70
N TRP A 121 48.83 -0.53 23.63
CA TRP A 121 48.88 -1.79 22.89
C TRP A 121 49.91 -1.80 21.76
N THR A 122 50.68 -0.72 21.64
CA THR A 122 51.63 -0.59 20.53
C THR A 122 53.01 -1.15 20.84
N SER A 123 53.22 -1.60 22.07
CA SER A 123 54.55 -2.07 22.48
C SER A 123 54.51 -3.40 23.22
N CYS A 124 55.58 -4.19 23.03
CA CYS A 124 55.76 -5.43 23.78
C CYS A 124 56.59 -5.17 25.02
N ASN A 125 56.93 -3.91 25.22
CA ASN A 125 57.78 -3.48 26.32
C ASN A 125 57.06 -3.48 27.67
N ASN A 126 55.74 -3.64 27.63
CA ASN A 126 54.92 -3.48 28.83
C ASN A 126 55.03 -4.65 29.82
N ILE A 127 54.33 -4.53 30.93
CA ILE A 127 54.44 -5.45 32.06
C ILE A 127 53.67 -6.76 31.83
N TRP A 128 52.61 -6.68 31.03
CA TRP A 128 51.73 -7.82 30.79
C TRP A 128 52.21 -8.68 29.63
N ASN A 129 53.33 -8.30 29.03
CA ASN A 129 53.81 -8.94 27.82
C ASN A 129 54.61 -10.23 28.07
N THR A 130 54.39 -11.20 27.19
CA THR A 130 55.16 -12.44 27.17
C THR A 130 56.39 -12.27 26.26
N PRO A 131 57.46 -13.03 26.52
CA PRO A 131 58.62 -13.04 25.63
C PRO A 131 58.27 -13.44 24.20
N ASN A 132 57.12 -14.10 24.03
CA ASN A 132 56.67 -14.53 22.72
C ASN A 132 55.91 -13.43 21.98
N CYS A 133 55.81 -12.27 22.62
CA CYS A 133 55.12 -11.13 22.02
C CYS A 133 55.79 -10.64 20.74
N ARG A 134 54.97 -10.19 19.80
CA ARG A 134 55.47 -9.62 18.54
C ARG A 134 54.91 -8.22 18.33
N PRO A 135 55.56 -7.43 17.47
CA PRO A 135 55.07 -6.09 17.13
C PRO A 135 53.72 -6.13 16.43
N PHE A 136 53.53 -7.13 15.55
CA PHE A 136 52.28 -7.28 14.83
C PHE A 136 51.90 -8.74 14.62
N GLU A 137 50.76 -8.97 13.97
CA GLU A 137 50.19 -10.30 13.82
C GLU A 137 51.13 -11.27 13.11
N GLY A 138 50.94 -12.57 13.36
CA GLY A 138 51.76 -13.60 12.76
C GLY A 138 50.97 -14.87 12.47
N HIS A 139 51.70 -15.99 12.34
CA HIS A 139 51.07 -17.27 12.03
C HIS A 139 50.97 -18.14 13.28
N VAL A 140 52.13 -18.53 13.81
CA VAL A 140 52.21 -19.42 14.96
C VAL A 140 51.39 -18.92 16.15
N GLU A 141 50.68 -19.84 16.79
CA GLU A 141 49.76 -19.49 17.88
C GLU A 141 50.50 -19.09 19.16
N GLY A 142 51.60 -19.78 19.44
CA GLY A 142 52.36 -19.53 20.65
C GLY A 142 52.91 -18.12 20.76
N PHE A 143 53.08 -17.48 19.60
CA PHE A 143 53.62 -16.13 19.56
C PHE A 143 52.58 -15.14 19.06
N GLN A 144 52.11 -14.27 19.96
CA GLN A 144 51.07 -13.32 19.63
C GLN A 144 51.65 -11.92 19.39
N SER A 145 50.78 -10.97 19.04
CA SER A 145 51.21 -9.61 18.77
C SER A 145 51.12 -8.74 20.01
N ALA A 146 51.51 -7.47 19.88
CA ALA A 146 51.48 -6.55 21.00
C ALA A 146 50.05 -6.12 21.32
N ALA A 147 49.29 -5.83 20.26
CA ALA A 147 47.90 -5.42 20.41
C ALA A 147 47.04 -6.59 20.90
N SER A 148 47.50 -7.81 20.62
CA SER A 148 46.79 -9.01 21.03
C SER A 148 46.98 -9.32 22.51
N GLU A 149 48.20 -9.14 22.99
CA GLU A 149 48.50 -9.41 24.40
C GLU A 149 47.89 -8.36 25.32
N TYR A 150 47.73 -7.14 24.81
CA TYR A 150 47.08 -6.09 25.58
C TYR A 150 45.63 -6.45 25.84
N PHE A 151 44.93 -6.88 24.79
CA PHE A 151 43.53 -7.24 24.90
C PHE A 151 43.33 -8.46 25.81
N ASN A 152 44.14 -9.50 25.59
CA ASN A 152 44.01 -10.73 26.35
C ASN A 152 44.60 -10.68 27.76
N ARG A 153 45.81 -10.16 27.90
CA ARG A 153 46.51 -10.21 29.18
C ARG A 153 46.29 -8.99 30.08
N TYR A 154 45.65 -7.95 29.54
CA TYR A 154 45.41 -6.73 30.31
C TYR A 154 43.92 -6.48 30.48
N ILE A 155 43.22 -6.29 29.38
CA ILE A 155 41.79 -5.97 29.41
C ILE A 155 40.99 -7.20 29.81
N LEU A 156 41.01 -8.23 28.99
CA LEU A 156 40.28 -9.46 29.27
C LEU A 156 40.89 -10.27 30.42
N GLU A 157 42.23 -10.25 30.52
CA GLU A 157 42.94 -11.06 31.50
C GLU A 157 42.55 -12.53 31.38
N LEU A 158 42.36 -12.98 30.15
CA LEU A 158 41.88 -14.33 29.88
C LEU A 158 42.94 -15.38 30.17
N ASN A 159 44.16 -14.94 30.44
CA ASN A 159 45.26 -15.85 30.74
C ASN A 159 45.14 -16.45 32.14
N ARG A 160 44.42 -15.74 33.01
CA ARG A 160 44.23 -16.20 34.38
C ARG A 160 43.28 -17.39 34.45
N SER A 161 42.35 -17.46 33.49
CA SER A 161 41.33 -18.49 33.48
C SER A 161 41.78 -19.74 32.73
N GLU A 162 41.55 -20.90 33.32
CA GLU A 162 41.91 -22.17 32.70
C GLU A 162 40.76 -22.73 31.87
N GLY A 163 39.60 -22.10 31.96
CA GLY A 163 38.42 -22.54 31.24
C GLY A 163 37.17 -21.82 31.70
N ILE A 164 36.01 -22.37 31.36
CA ILE A 164 34.74 -21.76 31.75
C ILE A 164 34.41 -22.07 33.21
N HIS A 165 34.94 -23.17 33.71
CA HIS A 165 34.71 -23.58 35.10
C HIS A 165 35.38 -22.62 36.08
N ASP A 166 36.48 -22.02 35.65
CA ASP A 166 37.14 -21.00 36.45
C ASP A 166 36.97 -19.62 35.81
N LEU A 167 36.14 -18.79 36.42
CA LEU A 167 35.89 -17.45 35.90
C LEU A 167 36.82 -16.41 36.51
N GLY A 168 37.58 -16.82 37.52
CA GLY A 168 38.51 -15.92 38.19
C GLY A 168 37.82 -14.77 38.91
N ALA A 169 38.58 -13.73 39.19
CA ALA A 169 38.07 -12.57 39.90
C ALA A 169 37.26 -11.63 39.00
N ILE A 170 36.33 -10.90 39.60
CA ILE A 170 35.55 -9.90 38.87
C ILE A 170 36.38 -8.65 38.64
N LYS A 171 36.46 -8.21 37.38
CA LYS A 171 37.20 -7.01 37.05
C LYS A 171 36.28 -5.79 37.09
N TRP A 172 36.55 -4.88 38.00
CA TRP A 172 35.63 -3.79 38.29
C TRP A 172 35.71 -2.65 37.29
N ASP A 173 36.87 -2.43 36.69
CA ASP A 173 36.99 -1.43 35.63
C ASP A 173 36.15 -1.88 34.45
N MET A 174 36.05 -3.20 34.28
CA MET A 174 35.22 -3.79 33.24
C MET A 174 33.76 -3.77 33.67
N ALA A 175 33.53 -4.01 34.95
CA ALA A 175 32.18 -3.96 35.52
C ALA A 175 31.66 -2.53 35.51
N LEU A 176 32.57 -1.57 35.63
CA LEU A 176 32.22 -0.17 35.57
C LEU A 176 31.74 0.20 34.17
N CYS A 177 32.44 -0.31 33.16
CA CYS A 177 32.07 -0.06 31.77
C CYS A 177 30.70 -0.66 31.46
N LEU A 178 30.46 -1.86 31.96
CA LEU A 178 29.20 -2.54 31.73
C LEU A 178 28.05 -1.78 32.39
N LEU A 179 28.33 -1.22 33.56
CA LEU A 179 27.34 -0.43 34.28
C LEU A 179 27.03 0.86 33.54
N ILE A 180 28.08 1.48 33.01
CA ILE A 180 27.93 2.70 32.22
C ILE A 180 27.07 2.44 30.97
N VAL A 181 27.26 1.27 30.38
CA VAL A 181 26.47 0.88 29.21
C VAL A 181 25.01 0.71 29.57
N TYR A 182 24.74 0.03 30.68
CA TYR A 182 23.38 -0.23 31.13
C TYR A 182 22.68 1.05 31.56
N LEU A 183 23.46 2.05 31.97
CA LEU A 183 22.91 3.34 32.35
C LEU A 183 22.41 4.09 31.12
N ILE A 184 23.24 4.11 30.08
CA ILE A 184 22.90 4.78 28.83
C ILE A 184 21.64 4.16 28.22
N CYS A 185 21.52 2.85 28.33
CA CYS A 185 20.37 2.14 27.78
C CYS A 185 19.12 2.41 28.61
N TYR A 186 19.30 2.75 29.88
CA TYR A 186 18.18 3.02 30.76
C TYR A 186 17.56 4.39 30.51
N PHE A 187 18.42 5.40 30.32
CA PHE A 187 17.95 6.76 30.10
C PHE A 187 17.58 6.97 28.63
N SER A 188 17.78 5.92 27.84
CA SER A 188 17.36 5.88 26.46
C SER A 188 15.95 5.31 26.37
N LEU A 189 15.81 4.07 26.82
CA LEU A 189 14.54 3.35 26.76
C LEU A 189 13.65 3.72 27.95
N TRP A 190 14.14 4.64 28.76
CA TRP A 190 13.44 5.13 29.96
C TRP A 190 11.98 5.45 29.71
N LYS A 191 11.73 6.48 28.91
CA LYS A 191 10.36 6.94 28.64
C LYS A 191 9.78 6.30 27.38
N GLY A 192 10.54 5.40 26.77
CA GLY A 192 10.09 4.73 25.57
C GLY A 192 10.57 5.39 24.30
N ILE A 193 9.87 5.12 23.19
CA ILE A 193 10.26 5.63 21.88
C ILE A 193 10.24 7.16 21.81
N SER A 194 9.63 7.79 22.80
CA SER A 194 9.65 9.24 22.90
C SER A 194 11.08 9.74 23.01
N THR A 195 11.80 9.22 24.01
CA THR A 195 13.22 9.49 24.16
C THR A 195 14.03 8.60 23.23
N SER A 196 13.61 7.34 23.12
CA SER A 196 14.32 6.35 22.32
C SER A 196 14.51 6.78 20.87
N GLY A 197 13.45 7.35 20.30
CA GLY A 197 13.49 7.80 18.92
C GLY A 197 14.47 8.94 18.70
N LYS A 198 14.66 9.77 19.72
CA LYS A 198 15.55 10.91 19.64
C LYS A 198 17.01 10.50 19.80
N VAL A 199 17.26 9.54 20.68
CA VAL A 199 18.62 9.12 20.98
C VAL A 199 19.28 8.43 19.78
N VAL A 200 18.49 7.68 19.02
CA VAL A 200 19.01 6.96 17.87
C VAL A 200 19.51 7.93 16.80
N TRP A 201 19.07 9.18 16.87
CA TRP A 201 19.55 10.22 15.97
C TRP A 201 21.07 10.33 16.03
N PHE A 202 21.62 10.05 17.21
CA PHE A 202 23.06 10.06 17.42
C PHE A 202 23.66 8.70 17.12
N THR A 203 23.26 7.70 17.92
CA THR A 203 23.81 6.35 17.82
C THR A 203 23.76 5.77 16.42
N ALA A 204 22.70 6.08 15.68
CA ALA A 204 22.57 5.60 14.31
C ALA A 204 23.39 6.42 13.32
N LEU A 205 23.38 7.74 13.49
CA LEU A 205 24.05 8.64 12.55
C LEU A 205 25.56 8.76 12.80
N PHE A 206 25.96 8.70 14.06
CA PHE A 206 27.35 8.91 14.43
C PHE A 206 28.33 7.98 13.72
N PRO A 207 28.03 6.66 13.70
CA PRO A 207 28.90 5.69 13.03
C PRO A 207 29.21 6.06 11.57
N TYR A 208 28.24 6.67 10.89
CA TYR A 208 28.44 7.09 9.51
C TYR A 208 29.40 8.27 9.42
N ALA A 209 29.43 9.08 10.47
CA ALA A 209 30.34 10.22 10.53
C ALA A 209 31.78 9.72 10.67
N VAL A 210 31.99 8.77 11.57
CA VAL A 210 33.31 8.21 11.80
C VAL A 210 33.75 7.35 10.61
N LEU A 211 32.81 6.60 10.04
CA LEU A 211 33.08 5.77 8.88
C LEU A 211 33.65 6.61 7.73
N LEU A 212 33.06 7.78 7.51
CA LEU A 212 33.50 8.68 6.47
C LEU A 212 34.93 9.16 6.70
N ILE A 213 35.27 9.41 7.97
CA ILE A 213 36.60 9.86 8.32
C ILE A 213 37.64 8.75 8.13
N LEU A 214 37.36 7.59 8.69
CA LEU A 214 38.27 6.45 8.60
C LEU A 214 38.35 5.94 7.15
N LEU A 215 37.27 6.14 6.40
CA LEU A 215 37.26 5.77 4.99
C LEU A 215 38.24 6.64 4.22
N ILE A 216 38.27 7.94 4.55
CA ILE A 216 39.19 8.86 3.93
C ILE A 216 40.60 8.68 4.47
N ARG A 217 40.71 8.57 5.80
CA ARG A 217 42.01 8.39 6.44
C ARG A 217 42.65 7.07 6.03
N GLY A 218 41.84 6.07 5.75
CA GLY A 218 42.34 4.78 5.31
C GLY A 218 42.88 4.81 3.90
N LEU A 219 42.10 5.38 2.99
CA LEU A 219 42.47 5.42 1.57
C LEU A 219 43.59 6.43 1.30
N THR A 220 43.94 7.19 2.32
CA THR A 220 45.03 8.16 2.23
C THR A 220 46.36 7.54 2.63
N LEU A 221 46.36 6.23 2.86
CA LEU A 221 47.54 5.55 3.36
C LEU A 221 48.11 4.58 2.34
N PRO A 222 49.43 4.40 2.35
CA PRO A 222 50.14 3.55 1.39
C PRO A 222 49.71 2.09 1.46
N GLY A 223 49.44 1.50 0.31
CA GLY A 223 49.03 0.11 0.24
C GLY A 223 47.55 -0.07 0.48
N SER A 224 46.82 1.04 0.54
CA SER A 224 45.38 1.00 0.76
C SER A 224 44.65 0.29 -0.38
N PHE A 225 45.17 0.46 -1.59
CA PHE A 225 44.57 -0.18 -2.75
C PHE A 225 44.81 -1.68 -2.74
N LEU A 226 45.94 -2.08 -2.16
CA LEU A 226 46.27 -3.49 -2.04
C LEU A 226 45.26 -4.21 -1.17
N GLY A 227 44.78 -3.52 -0.14
CA GLY A 227 43.77 -4.07 0.75
C GLY A 227 42.43 -4.20 0.05
N ILE A 228 42.10 -3.21 -0.77
CA ILE A 228 40.85 -3.21 -1.52
C ILE A 228 40.82 -4.38 -2.51
N GLN A 229 42.00 -4.77 -3.01
CA GLN A 229 42.10 -5.91 -3.90
C GLN A 229 41.73 -7.19 -3.16
N TYR A 230 42.39 -7.44 -2.03
CA TYR A 230 42.08 -8.59 -1.19
C TYR A 230 40.62 -8.58 -0.76
N TYR A 231 40.03 -7.39 -0.74
CA TYR A 231 38.63 -7.24 -0.38
C TYR A 231 37.72 -7.60 -1.55
N LEU A 232 37.73 -6.77 -2.59
CA LEU A 232 36.77 -6.89 -3.68
C LEU A 232 37.23 -7.64 -4.94
N THR A 233 38.47 -8.10 -4.99
CA THR A 233 38.94 -8.77 -6.20
C THR A 233 38.15 -10.06 -6.41
N PRO A 234 37.37 -10.11 -7.50
CA PRO A 234 36.42 -11.21 -7.72
C PRO A 234 37.07 -12.55 -8.01
N ASN A 235 36.61 -13.58 -7.30
CA ASN A 235 36.82 -14.96 -7.70
C ASN A 235 35.45 -15.60 -7.85
N PHE A 236 35.07 -15.92 -9.09
CA PHE A 236 33.74 -16.45 -9.35
C PHE A 236 33.76 -17.97 -9.20
N SER A 237 34.93 -18.50 -8.87
CA SER A 237 35.08 -19.92 -8.59
C SER A 237 34.34 -20.28 -7.32
N ALA A 238 34.22 -19.31 -6.41
CA ALA A 238 33.54 -19.51 -5.14
C ALA A 238 32.03 -19.58 -5.31
N ILE A 239 31.54 -19.03 -6.42
CA ILE A 239 30.11 -19.02 -6.72
C ILE A 239 29.54 -20.44 -6.77
N TYR A 240 30.36 -21.39 -7.21
CA TYR A 240 29.93 -22.77 -7.30
C TYR A 240 30.08 -23.49 -5.97
N LYS A 241 30.71 -22.82 -5.00
CA LYS A 241 30.93 -23.40 -3.68
C LYS A 241 29.65 -23.37 -2.84
N ALA A 242 29.43 -24.43 -2.07
CA ALA A 242 28.25 -24.55 -1.23
C ALA A 242 28.37 -23.69 0.03
N GLU A 243 29.56 -23.68 0.62
CA GLU A 243 29.81 -22.91 1.84
C GLU A 243 29.66 -21.42 1.61
N VAL A 244 29.98 -20.97 0.40
CA VAL A 244 29.87 -19.56 0.06
C VAL A 244 28.41 -19.11 0.05
N TRP A 245 27.55 -19.90 -0.57
CA TRP A 245 26.12 -19.62 -0.59
C TRP A 245 25.52 -19.72 0.81
N VAL A 246 26.14 -20.55 1.64
CA VAL A 246 25.70 -20.69 3.03
C VAL A 246 26.10 -19.48 3.86
N ASP A 247 27.34 -19.03 3.69
CA ASP A 247 27.84 -17.86 4.40
C ASP A 247 27.09 -16.60 3.99
N ALA A 248 26.80 -16.49 2.69
CA ALA A 248 26.04 -15.36 2.17
C ALA A 248 24.62 -15.39 2.73
N ALA A 249 24.04 -16.58 2.78
CA ALA A 249 22.70 -16.76 3.31
C ALA A 249 22.68 -16.48 4.81
N THR A 250 23.70 -16.96 5.51
CA THR A 250 23.80 -16.78 6.95
C THR A 250 23.95 -15.32 7.34
N GLN A 251 24.94 -14.66 6.73
CA GLN A 251 25.23 -13.26 7.02
C GLN A 251 24.03 -12.37 6.73
N VAL A 252 23.43 -12.56 5.56
CA VAL A 252 22.28 -11.77 5.13
C VAL A 252 21.13 -11.86 6.15
N PHE A 253 20.95 -13.04 6.72
CA PHE A 253 19.88 -13.26 7.68
C PHE A 253 20.18 -12.63 9.03
N PHE A 254 21.41 -12.82 9.51
CA PHE A 254 21.79 -12.31 10.83
C PHE A 254 22.08 -10.81 10.80
N SER A 255 22.47 -10.29 9.64
CA SER A 255 22.73 -8.86 9.50
C SER A 255 21.44 -8.08 9.67
N LEU A 256 20.39 -8.51 8.96
CA LEU A 256 19.05 -8.00 9.18
C LEU A 256 18.51 -8.57 10.49
N GLY A 257 17.50 -7.94 11.06
CA GLY A 257 17.01 -8.32 12.38
C GLY A 257 15.72 -9.13 12.50
N PRO A 258 15.32 -9.87 11.44
CA PRO A 258 14.02 -10.54 11.54
C PRO A 258 14.00 -11.68 12.56
N GLY A 259 12.87 -11.86 13.22
CA GLY A 259 12.70 -12.97 14.16
C GLY A 259 13.04 -12.63 15.60
N PHE A 260 13.67 -11.48 15.81
CA PHE A 260 14.04 -11.06 17.16
C PHE A 260 12.90 -10.35 17.86
N GLY A 261 11.86 -10.00 17.11
CA GLY A 261 10.73 -9.28 17.66
C GLY A 261 11.02 -7.80 17.82
N VAL A 262 12.24 -7.41 17.48
CA VAL A 262 12.66 -6.01 17.55
C VAL A 262 11.95 -5.19 16.48
N LEU A 263 12.03 -5.65 15.24
CA LEU A 263 11.34 -5.00 14.14
C LEU A 263 9.84 -4.97 14.38
N LEU A 264 9.33 -6.05 14.94
CA LEU A 264 7.92 -6.18 15.25
C LEU A 264 7.50 -5.12 16.27
N ALA A 265 8.36 -4.91 17.27
CA ALA A 265 8.08 -3.92 18.31
C ALA A 265 8.16 -2.50 17.75
N TYR A 266 9.27 -2.19 17.08
CA TYR A 266 9.48 -0.86 16.51
C TYR A 266 8.37 -0.48 15.53
N ALA A 267 7.94 -1.44 14.72
CA ALA A 267 6.93 -1.20 13.71
C ALA A 267 5.54 -1.06 14.31
N SER A 268 5.34 -1.64 15.49
CA SER A 268 4.04 -1.61 16.15
C SER A 268 3.63 -0.20 16.56
N TYR A 269 4.61 0.70 16.64
CA TYR A 269 4.35 2.08 17.02
C TYR A 269 4.14 2.95 15.78
N ASN A 270 4.17 2.33 14.61
CA ASN A 270 3.95 3.04 13.36
C ASN A 270 2.48 3.41 13.15
N LYS A 271 2.25 4.41 12.30
CA LYS A 271 0.90 4.74 11.89
C LYS A 271 0.38 3.65 10.96
N TYR A 272 -0.86 3.25 11.14
CA TYR A 272 -1.43 2.12 10.40
C TYR A 272 -1.30 2.28 8.89
N HIS A 273 -1.44 3.51 8.40
CA HIS A 273 -1.39 3.77 6.97
C HIS A 273 0.00 4.19 6.49
N ASN A 274 0.97 4.19 7.39
CA ASN A 274 2.36 4.44 7.02
C ASN A 274 2.83 3.38 6.03
N ASN A 275 3.76 3.74 5.15
CA ASN A 275 4.21 2.80 4.14
C ASN A 275 5.43 2.04 4.65
N VAL A 276 5.22 0.76 4.93
CA VAL A 276 6.27 -0.12 5.43
C VAL A 276 7.15 -0.65 4.31
N TYR A 277 6.53 -0.89 3.15
CA TYR A 277 7.24 -1.46 2.00
C TYR A 277 8.35 -0.55 1.52
N LYS A 278 8.16 0.76 1.67
CA LYS A 278 9.19 1.73 1.34
C LYS A 278 10.27 1.72 2.41
N ASP A 279 9.85 1.71 3.68
CA ASP A 279 10.78 1.70 4.80
C ASP A 279 11.61 0.43 4.84
N ALA A 280 10.98 -0.70 4.55
CA ALA A 280 11.65 -1.99 4.57
C ALA A 280 12.76 -2.04 3.52
N LEU A 281 12.45 -1.57 2.31
CA LEU A 281 13.42 -1.55 1.22
C LEU A 281 14.54 -0.56 1.50
N LEU A 282 14.18 0.61 1.99
CA LEU A 282 15.16 1.65 2.32
C LEU A 282 16.12 1.18 3.41
N THR A 283 15.55 0.75 4.54
CA THR A 283 16.34 0.28 5.67
C THR A 283 17.27 -0.87 5.28
N SER A 284 16.75 -1.81 4.49
CA SER A 284 17.53 -2.96 4.04
C SER A 284 18.75 -2.52 3.25
N PHE A 285 18.55 -1.61 2.31
CA PHE A 285 19.63 -1.12 1.46
C PHE A 285 20.71 -0.41 2.27
N ILE A 286 20.28 0.48 3.17
CA ILE A 286 21.20 1.22 4.02
C ILE A 286 22.09 0.29 4.84
N ASN A 287 21.51 -0.84 5.27
CA ASN A 287 22.25 -1.83 6.05
C ASN A 287 23.41 -2.43 5.25
N SER A 288 23.10 -3.00 4.10
CA SER A 288 24.10 -3.64 3.25
C SER A 288 25.12 -2.63 2.75
N ALA A 289 24.65 -1.43 2.44
CA ALA A 289 25.52 -0.36 1.96
C ALA A 289 26.55 0.01 3.03
N THR A 290 26.10 0.03 4.28
CA THR A 290 26.98 0.36 5.40
C THR A 290 28.09 -0.68 5.56
N SER A 291 27.73 -1.94 5.36
CA SER A 291 28.70 -3.03 5.42
C SER A 291 29.70 -2.90 4.30
N PHE A 292 29.19 -2.62 3.11
CA PHE A 292 30.03 -2.44 1.92
C PHE A 292 31.01 -1.29 2.13
N ILE A 293 30.50 -0.18 2.66
CA ILE A 293 31.33 0.97 2.96
C ILE A 293 32.37 0.65 4.02
N ALA A 294 31.94 0.03 5.11
CA ALA A 294 32.83 -0.34 6.19
C ALA A 294 33.91 -1.31 5.71
N GLY A 295 33.57 -2.10 4.71
CA GLY A 295 34.51 -3.04 4.10
C GLY A 295 35.74 -2.32 3.57
N PHE A 296 35.50 -1.18 2.92
CA PHE A 296 36.61 -0.37 2.43
C PHE A 296 37.41 0.22 3.58
N VAL A 297 36.73 0.54 4.66
CA VAL A 297 37.38 1.13 5.83
C VAL A 297 38.39 0.16 6.44
N ILE A 298 37.96 -1.08 6.64
CA ILE A 298 38.81 -2.11 7.24
C ILE A 298 39.99 -2.50 6.34
N PHE A 299 39.68 -2.90 5.11
CA PHE A 299 40.70 -3.44 4.22
C PHE A 299 41.64 -2.37 3.68
N SER A 300 41.21 -1.12 3.74
CA SER A 300 42.10 -0.03 3.37
C SER A 300 43.21 0.06 4.41
N VAL A 301 42.83 -0.12 5.67
CA VAL A 301 43.79 -0.14 6.77
C VAL A 301 44.53 -1.48 6.81
N LEU A 302 43.80 -2.55 6.49
CA LEU A 302 44.38 -3.89 6.47
C LEU A 302 45.48 -3.99 5.42
N GLY A 303 45.20 -3.51 4.21
CA GLY A 303 46.18 -3.51 3.15
C GLY A 303 47.36 -2.62 3.49
N TYR A 304 47.08 -1.58 4.27
CA TYR A 304 48.12 -0.67 4.73
C TYR A 304 49.16 -1.40 5.59
N MET A 305 48.67 -2.28 6.46
CA MET A 305 49.55 -3.06 7.34
C MET A 305 50.42 -4.02 6.54
N ALA A 306 49.82 -4.64 5.53
CA ALA A 306 50.53 -5.62 4.71
C ALA A 306 51.66 -4.96 3.91
N HIS A 307 51.46 -3.70 3.54
CA HIS A 307 52.45 -2.98 2.74
C HIS A 307 53.55 -2.38 3.62
N THR A 308 53.17 -1.43 4.46
CA THR A 308 54.15 -0.68 5.26
C THR A 308 54.65 -1.45 6.48
N LEU A 309 53.76 -2.21 7.12
CA LEU A 309 54.11 -2.86 8.39
C LEU A 309 54.66 -4.27 8.20
N GLY A 310 54.69 -4.74 6.95
CA GLY A 310 55.28 -6.03 6.65
C GLY A 310 54.64 -7.22 7.34
N VAL A 311 53.32 -7.35 7.17
CA VAL A 311 52.60 -8.49 7.74
C VAL A 311 51.70 -9.13 6.69
N ARG A 312 51.64 -10.45 6.68
CA ARG A 312 50.84 -11.17 5.70
C ARG A 312 49.36 -10.87 5.86
N ILE A 313 48.68 -10.68 4.73
CA ILE A 313 47.26 -10.31 4.72
C ILE A 313 46.40 -11.38 5.39
N GLU A 314 46.79 -12.64 5.26
CA GLU A 314 46.04 -13.75 5.84
C GLU A 314 45.96 -13.63 7.36
N ASP A 315 47.01 -13.07 7.96
CA ASP A 315 47.06 -12.94 9.41
C ASP A 315 46.24 -11.76 9.93
N VAL A 316 46.31 -10.64 9.22
CA VAL A 316 45.64 -9.42 9.67
C VAL A 316 44.18 -9.37 9.25
N ALA A 317 43.78 -10.23 8.31
CA ALA A 317 42.40 -10.26 7.86
C ALA A 317 41.62 -11.29 8.67
N THR A 318 40.71 -10.80 9.49
CA THR A 318 39.98 -11.65 10.43
C THR A 318 38.59 -11.11 10.71
N GLU A 319 37.89 -11.78 11.63
CA GLU A 319 36.52 -11.43 11.94
C GLU A 319 36.30 -11.34 13.45
N GLY A 320 35.15 -10.78 13.83
CA GLY A 320 34.79 -10.70 15.24
C GLY A 320 35.62 -9.69 16.00
N PRO A 321 35.55 -9.76 17.34
CA PRO A 321 36.23 -8.82 18.24
C PRO A 321 37.73 -8.71 17.97
N GLY A 322 38.33 -9.79 17.46
CA GLY A 322 39.74 -9.81 17.16
C GLY A 322 40.16 -8.72 16.19
N LEU A 323 39.29 -8.44 15.21
CA LEU A 323 39.57 -7.42 14.21
C LEU A 323 39.54 -6.02 14.81
N VAL A 324 38.46 -5.70 15.50
CA VAL A 324 38.24 -4.35 16.02
C VAL A 324 39.05 -4.05 17.28
N PHE A 325 39.21 -5.04 18.14
CA PHE A 325 39.90 -4.84 19.41
C PHE A 325 41.39 -5.14 19.37
N VAL A 326 41.86 -5.73 18.26
CA VAL A 326 43.27 -6.08 18.15
C VAL A 326 43.93 -5.59 16.87
N VAL A 327 43.49 -6.15 15.74
CA VAL A 327 44.13 -5.89 14.45
C VAL A 327 44.09 -4.43 14.03
N TYR A 328 42.90 -3.83 14.06
CA TYR A 328 42.73 -2.45 13.61
C TYR A 328 43.45 -1.44 14.50
N PRO A 329 43.27 -1.55 15.83
CA PRO A 329 43.95 -0.65 16.76
C PRO A 329 45.48 -0.68 16.61
N ALA A 330 46.01 -1.84 16.22
CA ALA A 330 47.44 -1.99 15.99
C ALA A 330 47.92 -1.10 14.85
N ALA A 331 47.07 -0.96 13.83
CA ALA A 331 47.39 -0.13 12.68
C ALA A 331 47.25 1.35 13.02
N ILE A 332 46.21 1.69 13.78
CA ILE A 332 45.97 3.07 14.19
C ILE A 332 47.14 3.61 15.01
N ALA A 333 47.75 2.75 15.81
CA ALA A 333 48.85 3.16 16.68
C ALA A 333 50.06 3.59 15.88
N THR A 334 50.22 3.02 14.68
CA THR A 334 51.36 3.33 13.83
C THR A 334 51.17 4.66 13.10
N MET A 335 49.92 5.01 12.82
CA MET A 335 49.61 6.22 12.07
C MET A 335 49.87 7.48 12.89
N PRO A 336 50.08 8.61 12.20
CA PRO A 336 50.19 9.92 12.85
C PRO A 336 48.85 10.37 13.41
N ALA A 337 48.87 11.07 14.54
CA ALA A 337 47.64 11.45 15.23
C ALA A 337 46.87 10.20 15.64
N SER A 338 47.58 9.25 16.23
CA SER A 338 47.00 7.96 16.63
C SER A 338 45.82 8.11 17.58
N THR A 339 45.98 8.96 18.59
CA THR A 339 44.97 9.13 19.64
C THR A 339 43.61 9.52 19.08
N PHE A 340 43.61 10.28 17.99
CA PHE A 340 42.35 10.73 17.39
C PHE A 340 41.58 9.58 16.74
N TRP A 341 42.26 8.81 15.89
CA TRP A 341 41.62 7.70 15.20
C TRP A 341 41.11 6.66 16.18
N ALA A 342 41.86 6.46 17.27
CA ALA A 342 41.51 5.47 18.27
C ALA A 342 40.25 5.87 19.03
N LEU A 343 40.14 7.14 19.39
CA LEU A 343 39.00 7.64 20.15
C LEU A 343 37.69 7.54 19.37
N ILE A 344 37.72 7.98 18.12
CA ILE A 344 36.51 7.95 17.29
C ILE A 344 36.16 6.53 16.86
N PHE A 345 37.17 5.69 16.72
CA PHE A 345 36.94 4.30 16.32
C PHE A 345 36.18 3.54 17.39
N PHE A 346 36.67 3.62 18.62
CA PHE A 346 36.05 2.92 19.74
C PHE A 346 34.68 3.49 20.09
N MET A 347 34.52 4.80 19.88
CA MET A 347 33.23 5.44 20.09
C MET A 347 32.23 4.95 19.05
N MET A 348 32.73 4.71 17.85
CA MET A 348 31.91 4.18 16.76
C MET A 348 31.42 2.77 17.10
N LEU A 349 32.32 1.96 17.64
CA LEU A 349 32.00 0.59 18.02
C LEU A 349 30.90 0.57 19.09
N ALA A 350 30.99 1.50 20.03
CA ALA A 350 29.98 1.61 21.09
C ALA A 350 28.63 2.05 20.52
N THR A 351 28.65 3.10 19.70
CA THR A 351 27.43 3.61 19.10
C THR A 351 26.87 2.64 18.05
N LEU A 352 27.70 1.69 17.64
CA LEU A 352 27.27 0.66 16.71
C LEU A 352 26.46 -0.42 17.43
N GLY A 353 26.82 -0.68 18.69
CA GLY A 353 26.12 -1.69 19.47
C GLY A 353 24.95 -1.15 20.28
N LEU A 354 24.98 0.15 20.57
CA LEU A 354 23.96 0.77 21.42
C LEU A 354 22.56 0.70 20.83
N ASP A 355 22.38 1.24 19.63
CA ASP A 355 21.06 1.26 19.00
C ASP A 355 20.60 -0.14 18.63
N SER A 356 21.56 -1.06 18.51
CA SER A 356 21.24 -2.46 18.28
C SER A 356 20.75 -3.11 19.56
N SER A 357 21.29 -2.66 20.69
CA SER A 357 20.89 -3.16 21.99
C SER A 357 19.56 -2.53 22.42
N PHE A 358 19.32 -1.31 21.97
CA PHE A 358 18.07 -0.62 22.25
C PHE A 358 16.89 -1.43 21.73
N GLY A 359 16.99 -1.86 20.47
CA GLY A 359 15.94 -2.66 19.86
C GLY A 359 15.74 -3.98 20.56
N GLY A 360 16.85 -4.59 20.99
CA GLY A 360 16.79 -5.86 21.70
C GLY A 360 15.96 -5.76 22.97
N SER A 361 16.32 -4.80 23.82
CA SER A 361 15.60 -4.58 25.07
C SER A 361 14.16 -4.17 24.81
N GLU A 362 13.97 -3.29 23.82
CA GLU A 362 12.64 -2.80 23.47
C GLU A 362 11.72 -3.94 23.04
N ALA A 363 12.29 -4.93 22.38
CA ALA A 363 11.53 -6.10 21.95
C ALA A 363 10.96 -6.83 23.16
N ILE A 364 11.75 -6.89 24.23
CA ILE A 364 11.29 -7.49 25.48
C ILE A 364 10.23 -6.63 26.14
N ILE A 365 10.54 -5.35 26.30
CA ILE A 365 9.65 -4.40 26.98
C ILE A 365 8.29 -4.29 26.27
N THR A 366 8.33 -3.98 24.98
CA THR A 366 7.10 -3.79 24.21
C THR A 366 6.25 -5.06 24.17
N ALA A 367 6.90 -6.20 23.99
CA ALA A 367 6.19 -7.47 23.94
C ALA A 367 5.52 -7.77 25.27
N LEU A 368 6.19 -7.42 26.36
CA LEU A 368 5.66 -7.65 27.70
C LEU A 368 4.62 -6.61 28.07
N SER A 369 4.87 -5.36 27.68
CA SER A 369 3.96 -4.26 27.99
C SER A 369 2.56 -4.51 27.41
N ASP A 370 2.53 -5.02 26.19
CA ASP A 370 1.26 -5.32 25.53
C ASP A 370 0.62 -6.57 26.14
N GLU A 371 1.45 -7.51 26.57
CA GLU A 371 0.96 -8.74 27.18
C GLU A 371 0.48 -8.51 28.61
N PHE A 372 1.30 -7.83 29.40
CA PHE A 372 0.97 -7.55 30.79
C PHE A 372 0.83 -6.06 31.06
N PRO A 373 -0.39 -5.61 31.37
CA PRO A 373 -0.68 -4.20 31.65
C PRO A 373 -0.03 -3.70 32.94
N LYS A 374 0.35 -4.64 33.81
CA LYS A 374 0.98 -4.29 35.08
C LYS A 374 2.33 -3.61 34.86
N ILE A 375 3.14 -4.18 33.97
CA ILE A 375 4.43 -3.61 33.65
C ILE A 375 4.30 -2.62 32.49
N LYS A 376 3.07 -2.48 31.98
CA LYS A 376 2.76 -1.47 30.98
C LYS A 376 2.60 -0.12 31.67
N ARG A 377 1.92 -0.13 32.81
CA ARG A 377 1.69 1.07 33.60
C ARG A 377 2.97 1.48 34.33
N ASN A 378 3.72 0.49 34.79
CA ASN A 378 5.01 0.75 35.43
C ASN A 378 6.14 0.43 34.47
N ARG A 379 6.82 1.48 34.01
CA ARG A 379 7.85 1.35 32.98
C ARG A 379 9.25 1.48 33.58
N GLU A 380 9.53 2.66 34.11
CA GLU A 380 10.84 3.00 34.68
C GLU A 380 11.32 1.92 35.66
N LEU A 381 10.41 1.39 36.45
CA LEU A 381 10.74 0.35 37.42
C LEU A 381 11.07 -0.97 36.72
N PHE A 382 10.32 -1.30 35.67
CA PHE A 382 10.53 -2.55 34.96
C PHE A 382 11.91 -2.63 34.31
N VAL A 383 12.24 -1.62 33.50
CA VAL A 383 13.52 -1.58 32.82
C VAL A 383 14.67 -1.54 33.82
N ALA A 384 14.42 -0.96 34.99
CA ALA A 384 15.41 -0.92 36.05
C ALA A 384 15.67 -2.32 36.59
N GLY A 385 14.60 -3.09 36.75
CA GLY A 385 14.73 -4.46 37.21
C GLY A 385 15.35 -5.35 36.16
N LEU A 386 14.98 -5.11 34.91
CA LEU A 386 15.51 -5.88 33.78
C LEU A 386 17.01 -5.70 33.65
N PHE A 387 17.46 -4.44 33.60
CA PHE A 387 18.87 -4.13 33.46
C PHE A 387 19.64 -4.51 34.72
N SER A 388 18.94 -4.61 35.84
CA SER A 388 19.55 -5.07 37.07
C SER A 388 19.89 -6.55 36.96
N LEU A 389 18.97 -7.31 36.35
CA LEU A 389 19.19 -8.73 36.11
C LEU A 389 20.34 -8.91 35.12
N TYR A 390 20.39 -8.03 34.13
CA TYR A 390 21.46 -8.04 33.14
C TYR A 390 22.82 -7.80 33.78
N PHE A 391 22.91 -6.73 34.57
CA PHE A 391 24.18 -6.33 35.18
C PHE A 391 24.73 -7.40 36.11
N VAL A 392 23.86 -7.95 36.96
CA VAL A 392 24.26 -8.99 37.90
C VAL A 392 24.79 -10.22 37.16
N VAL A 393 23.97 -10.75 36.27
CA VAL A 393 24.38 -11.88 35.44
C VAL A 393 25.54 -11.47 34.53
N GLY A 394 25.54 -10.21 34.13
CA GLY A 394 26.57 -9.69 33.26
C GLY A 394 27.91 -9.58 33.93
N LEU A 395 27.93 -9.69 35.26
CA LEU A 395 29.18 -9.66 36.01
C LEU A 395 29.98 -10.93 35.75
N ALA A 396 29.31 -11.97 35.27
CA ALA A 396 29.97 -13.21 34.92
C ALA A 396 30.89 -13.01 33.73
N SER A 397 30.52 -12.09 32.86
CA SER A 397 31.32 -11.78 31.67
C SER A 397 32.31 -10.67 31.96
N CYS A 398 32.25 -10.10 33.15
CA CYS A 398 33.20 -9.08 33.59
C CYS A 398 34.34 -9.73 34.37
N THR A 399 34.25 -11.04 34.54
CA THR A 399 35.28 -11.80 35.24
C THR A 399 36.48 -12.05 34.33
N GLN A 400 37.50 -12.72 34.86
CA GLN A 400 38.72 -12.98 34.12
C GLN A 400 38.49 -14.03 33.03
N GLY A 401 37.57 -14.96 33.28
CA GLY A 401 37.20 -15.95 32.30
C GLY A 401 35.95 -15.53 31.56
N GLY A 402 35.65 -14.23 31.62
CA GLY A 402 34.44 -13.67 31.05
C GLY A 402 34.24 -13.98 29.57
N PHE A 403 35.32 -13.95 28.80
CA PHE A 403 35.22 -14.22 27.37
C PHE A 403 34.76 -15.65 27.12
N TYR A 404 35.20 -16.57 27.97
CA TYR A 404 34.78 -17.96 27.88
C TYR A 404 33.28 -18.06 28.11
N PHE A 405 32.75 -17.20 28.96
CA PHE A 405 31.33 -17.12 29.20
C PHE A 405 30.63 -16.39 28.06
N PHE A 406 31.30 -15.37 27.54
CA PHE A 406 30.78 -14.60 26.41
C PHE A 406 30.70 -15.46 25.15
N HIS A 407 31.77 -16.18 24.86
CA HIS A 407 31.85 -17.00 23.66
C HIS A 407 30.82 -18.13 23.69
N LEU A 408 30.48 -18.58 24.89
CA LEU A 408 29.50 -19.64 25.05
C LEU A 408 28.11 -19.18 24.61
N LEU A 409 27.73 -17.98 25.05
CA LEU A 409 26.44 -17.42 24.68
C LEU A 409 26.40 -17.00 23.22
N ASP A 410 27.52 -16.48 22.73
CA ASP A 410 27.61 -16.04 21.33
C ASP A 410 27.20 -17.16 20.39
N ARG A 411 27.85 -18.31 20.52
CA ARG A 411 27.54 -19.47 19.69
C ARG A 411 26.13 -20.00 19.91
N TYR A 412 25.83 -20.36 21.16
CA TYR A 412 24.62 -21.11 21.49
C TYR A 412 23.32 -20.31 21.58
N ALA A 413 23.38 -19.13 22.20
CA ALA A 413 22.16 -18.42 22.60
C ALA A 413 21.18 -18.18 21.46
N ALA A 414 21.53 -17.28 20.55
CA ALA A 414 20.64 -16.95 19.44
C ALA A 414 20.97 -17.68 18.15
N GLY A 415 22.03 -18.48 18.15
CA GLY A 415 22.52 -19.05 16.91
C GLY A 415 21.62 -20.07 16.23
N TYR A 416 21.30 -21.15 16.93
CA TYR A 416 20.41 -22.17 16.38
C TYR A 416 18.96 -21.94 16.79
N SER A 417 18.74 -21.03 17.71
CA SER A 417 17.42 -20.82 18.30
C SER A 417 16.48 -20.04 17.38
N ILE A 418 16.98 -18.94 16.83
CA ILE A 418 16.14 -18.03 16.07
C ILE A 418 15.85 -18.53 14.66
N LEU A 419 16.72 -19.37 14.13
CA LEU A 419 16.53 -19.93 12.80
C LEU A 419 15.24 -20.75 12.72
N VAL A 420 15.00 -21.56 13.74
CA VAL A 420 13.78 -22.36 13.80
C VAL A 420 12.60 -21.49 14.18
N ALA A 421 12.87 -20.45 14.96
CA ALA A 421 11.83 -19.51 15.37
C ALA A 421 11.28 -18.76 14.16
N VAL A 422 12.18 -18.17 13.38
CA VAL A 422 11.78 -17.44 12.17
C VAL A 422 11.18 -18.39 11.15
N PHE A 423 11.60 -19.64 11.17
CA PHE A 423 11.07 -20.64 10.26
C PHE A 423 9.59 -20.89 10.55
N PHE A 424 9.24 -20.89 11.84
CA PHE A 424 7.85 -21.05 12.24
C PHE A 424 7.09 -19.75 12.03
N GLU A 425 7.80 -18.63 12.13
CA GLU A 425 7.22 -17.32 11.83
C GLU A 425 6.80 -17.27 10.37
N ALA A 426 7.64 -17.81 9.50
CA ALA A 426 7.36 -17.82 8.07
C ALA A 426 6.23 -18.80 7.73
N ILE A 427 6.27 -19.98 8.34
CA ILE A 427 5.26 -21.01 8.10
C ILE A 427 3.90 -20.59 8.65
N ALA A 428 3.91 -19.94 9.80
CA ALA A 428 2.67 -19.49 10.44
C ALA A 428 1.97 -18.42 9.60
N VAL A 429 2.74 -17.44 9.15
CA VAL A 429 2.20 -16.32 8.39
C VAL A 429 1.75 -16.74 6.99
N SER A 430 2.60 -17.48 6.30
CA SER A 430 2.36 -17.84 4.90
C SER A 430 1.35 -18.97 4.74
N TRP A 431 1.28 -19.86 5.73
CA TRP A 431 0.43 -21.05 5.61
C TRP A 431 -0.73 -21.04 6.60
N ILE A 432 -0.43 -21.10 7.89
CA ILE A 432 -1.45 -21.10 8.93
C ILE A 432 -2.34 -19.85 8.82
N TYR A 433 -1.70 -18.69 8.84
CA TYR A 433 -2.41 -17.43 8.69
C TYR A 433 -2.74 -17.19 7.22
N GLY A 434 -1.89 -17.70 6.34
CA GLY A 434 -2.09 -17.63 4.91
C GLY A 434 -1.50 -16.38 4.28
N THR A 435 -1.08 -16.50 3.02
CA THR A 435 -0.49 -15.38 2.30
C THR A 435 -1.55 -14.42 1.79
N ASN A 436 -2.61 -14.96 1.21
CA ASN A 436 -3.69 -14.15 0.67
C ASN A 436 -4.35 -13.31 1.75
N ARG A 437 -4.36 -13.84 2.97
CA ARG A 437 -4.94 -13.13 4.11
C ARG A 437 -3.98 -12.07 4.62
N PHE A 438 -2.68 -12.35 4.51
CA PHE A 438 -1.65 -11.41 4.95
C PHE A 438 -1.46 -10.29 3.92
N SER A 439 -1.48 -10.64 2.65
CA SER A 439 -1.35 -9.67 1.56
C SER A 439 -2.46 -8.63 1.64
N GLU A 440 -3.64 -9.06 2.06
CA GLU A 440 -4.80 -8.19 2.18
C GLU A 440 -4.64 -7.20 3.32
N ASP A 441 -3.91 -7.62 4.36
CA ASP A 441 -3.64 -6.75 5.50
C ASP A 441 -2.76 -5.57 5.08
N ILE A 442 -1.77 -5.86 4.24
CA ILE A 442 -0.84 -4.84 3.75
C ILE A 442 -1.53 -3.86 2.81
N ARG A 443 -2.42 -4.38 1.96
CA ARG A 443 -3.16 -3.56 1.01
C ARG A 443 -3.98 -2.49 1.73
N ASP A 444 -4.54 -2.87 2.87
CA ASP A 444 -5.38 -1.96 3.64
C ASP A 444 -4.54 -0.89 4.33
N MET A 445 -3.26 -1.20 4.55
CA MET A 445 -2.35 -0.25 5.19
C MET A 445 -1.71 0.69 4.18
N ILE A 446 -0.90 0.14 3.27
CA ILE A 446 -0.13 0.95 2.34
C ILE A 446 -0.89 1.26 1.05
N GLY A 447 -2.05 0.63 0.88
CA GLY A 447 -2.91 0.93 -0.26
C GLY A 447 -2.86 -0.08 -1.39
N PHE A 448 -1.81 -0.89 -1.42
CA PHE A 448 -1.66 -1.89 -2.48
C PHE A 448 -1.11 -3.20 -1.93
N PRO A 449 -1.52 -4.33 -2.54
CA PRO A 449 -1.05 -5.66 -2.13
C PRO A 449 0.37 -5.92 -2.58
N PRO A 450 1.11 -6.74 -1.83
CA PRO A 450 2.48 -7.12 -2.19
C PRO A 450 2.54 -7.85 -3.53
N GLY A 451 3.55 -7.57 -4.33
CA GLY A 451 3.73 -8.28 -5.59
C GLY A 451 3.84 -9.76 -5.36
N ARG A 452 3.48 -10.56 -6.35
CA ARG A 452 3.48 -12.01 -6.18
C ARG A 452 4.89 -12.51 -5.91
N TYR A 453 5.90 -11.69 -6.23
CA TYR A 453 7.28 -12.01 -5.93
C TYR A 453 7.49 -12.16 -4.42
N TRP A 454 6.91 -11.24 -3.66
CA TRP A 454 7.02 -11.28 -2.21
C TRP A 454 6.24 -12.44 -1.61
N GLN A 455 5.11 -12.76 -2.24
CA GLN A 455 4.26 -13.85 -1.78
C GLN A 455 4.98 -15.19 -1.92
N VAL A 456 5.68 -15.37 -3.03
CA VAL A 456 6.41 -16.61 -3.30
C VAL A 456 7.56 -16.81 -2.33
N CYS A 457 8.30 -15.73 -2.05
CA CYS A 457 9.43 -15.79 -1.15
C CYS A 457 9.00 -16.15 0.27
N TRP A 458 7.85 -15.64 0.69
CA TRP A 458 7.33 -15.91 2.03
C TRP A 458 6.85 -17.35 2.16
N ARG A 459 6.11 -17.83 1.17
CA ARG A 459 5.51 -19.16 1.23
C ARG A 459 6.49 -20.28 0.93
N PHE A 460 7.40 -20.04 -0.02
CA PHE A 460 8.30 -21.10 -0.48
C PHE A 460 9.77 -20.83 -0.17
N VAL A 461 10.32 -19.78 -0.78
CA VAL A 461 11.76 -19.49 -0.71
C VAL A 461 12.29 -19.39 0.72
N ALA A 462 11.63 -18.59 1.56
CA ALA A 462 12.09 -18.34 2.92
C ALA A 462 12.27 -19.61 3.74
N PRO A 463 11.21 -20.46 3.81
CA PRO A 463 11.27 -21.72 4.55
C PRO A 463 12.44 -22.61 4.13
N ILE A 464 12.65 -22.74 2.81
CA ILE A 464 13.77 -23.52 2.30
C ILE A 464 15.08 -22.82 2.63
N PHE A 465 15.09 -21.50 2.48
CA PHE A 465 16.26 -20.68 2.76
C PHE A 465 16.68 -20.80 4.22
N LEU A 466 15.70 -20.88 5.11
CA LEU A 466 15.98 -21.03 6.54
C LEU A 466 16.50 -22.43 6.87
N LEU A 467 15.82 -23.47 6.38
CA LEU A 467 16.24 -24.83 6.62
CA LEU A 467 16.24 -24.83 6.62
C LEU A 467 17.61 -25.09 5.98
N PHE A 468 17.86 -24.41 4.88
CA PHE A 468 19.14 -24.50 4.18
C PHE A 468 20.27 -24.07 5.10
N ILE A 469 20.07 -22.96 5.80
CA ILE A 469 21.06 -22.47 6.75
C ILE A 469 21.12 -23.38 7.98
N THR A 470 19.96 -23.84 8.42
CA THR A 470 19.87 -24.66 9.61
C THR A 470 20.46 -26.05 9.40
N VAL A 471 20.14 -26.65 8.26
CA VAL A 471 20.62 -27.99 7.94
C VAL A 471 22.14 -28.04 7.87
N TYR A 472 22.72 -27.14 7.09
CA TYR A 472 24.17 -27.07 6.93
C TYR A 472 24.87 -26.66 8.21
N GLY A 473 24.17 -25.87 9.03
CA GLY A 473 24.71 -25.46 10.31
C GLY A 473 24.87 -26.65 11.25
N LEU A 474 23.94 -27.59 11.15
CA LEU A 474 23.98 -28.80 11.98
C LEU A 474 24.99 -29.82 11.44
N ILE A 475 25.08 -29.90 10.12
CA ILE A 475 25.97 -30.87 9.47
C ILE A 475 27.44 -30.47 9.63
N GLY A 476 27.70 -29.17 9.61
CA GLY A 476 29.04 -28.66 9.79
C GLY A 476 29.33 -28.35 11.24
N TYR A 477 28.54 -28.93 12.14
CA TYR A 477 28.66 -28.67 13.57
C TYR A 477 29.94 -29.26 14.15
N GLU A 478 30.49 -28.56 15.13
CA GLU A 478 31.65 -29.02 15.88
C GLU A 478 31.53 -28.58 17.34
N PRO A 479 32.07 -29.38 18.26
CA PRO A 479 32.07 -29.01 19.69
C PRO A 479 32.72 -27.65 19.90
N LEU A 480 32.19 -26.86 20.83
CA LEU A 480 32.67 -25.51 21.06
C LEU A 480 34.10 -25.48 21.57
N THR A 481 34.95 -24.71 20.90
CA THR A 481 36.34 -24.54 21.31
C THR A 481 36.80 -23.12 21.01
N TYR A 482 37.61 -22.57 21.91
CA TYR A 482 38.22 -21.27 21.66
C TYR A 482 39.74 -21.34 21.82
N ALA A 483 40.45 -21.00 20.75
CA ALA A 483 41.91 -21.08 20.72
C ALA A 483 42.37 -22.50 20.99
N ASP A 484 43.25 -22.66 21.98
CA ASP A 484 43.78 -23.98 22.32
C ASP A 484 42.90 -24.67 23.36
N TYR A 485 41.90 -23.93 23.85
CA TYR A 485 41.00 -24.44 24.88
C TYR A 485 39.77 -25.11 24.28
N VAL A 486 39.44 -26.29 24.77
CA VAL A 486 38.23 -27.00 24.35
C VAL A 486 37.23 -27.06 25.49
N TYR A 487 36.01 -26.61 25.21
CA TYR A 487 34.96 -26.60 26.22
C TYR A 487 34.55 -28.02 26.62
N PRO A 488 34.35 -28.24 27.93
CA PRO A 488 33.87 -29.52 28.44
C PRO A 488 32.48 -29.85 27.91
N SER A 489 32.16 -31.14 27.80
CA SER A 489 30.90 -31.58 27.22
C SER A 489 29.69 -31.10 28.02
N TRP A 490 29.91 -30.73 29.28
CA TRP A 490 28.82 -30.21 30.10
C TRP A 490 28.53 -28.77 29.72
N ALA A 491 29.57 -28.05 29.30
CA ALA A 491 29.42 -26.67 28.85
C ALA A 491 28.62 -26.62 27.56
N ASN A 492 28.87 -27.57 26.67
CA ASN A 492 28.12 -27.68 25.42
C ASN A 492 26.65 -27.94 25.68
N ALA A 493 26.36 -28.80 26.64
CA ALA A 493 24.98 -29.14 26.99
C ALA A 493 24.26 -27.96 27.64
N LEU A 494 25.00 -27.18 28.43
CA LEU A 494 24.43 -26.02 29.10
C LEU A 494 23.99 -24.96 28.09
N GLY A 495 24.62 -24.97 26.92
CA GLY A 495 24.29 -24.01 25.87
C GLY A 495 23.13 -24.48 25.02
N TRP A 496 22.93 -25.79 24.94
CA TRP A 496 21.82 -26.35 24.18
C TRP A 496 20.51 -26.11 24.93
N CYS A 497 20.57 -26.12 26.26
CA CYS A 497 19.41 -25.79 27.08
C CYS A 497 19.00 -24.35 26.82
N ILE A 498 19.98 -23.46 26.74
CA ILE A 498 19.74 -22.07 26.41
C ILE A 498 19.14 -21.94 25.02
N ALA A 499 19.65 -22.73 24.09
CA ALA A 499 19.17 -22.74 22.72
C ALA A 499 17.80 -23.41 22.63
N GLY A 500 17.58 -24.39 23.50
CA GLY A 500 16.31 -25.09 23.54
C GLY A 500 15.29 -24.37 24.40
N SER A 501 15.78 -23.58 25.34
CA SER A 501 14.93 -22.81 26.24
C SER A 501 13.92 -21.96 25.47
N SER A 502 14.38 -21.36 24.37
CA SER A 502 13.54 -20.54 23.52
C SER A 502 12.65 -21.42 22.64
N VAL A 503 13.28 -22.18 21.75
CA VAL A 503 12.57 -23.01 20.78
C VAL A 503 11.49 -23.90 21.39
N VAL A 504 11.76 -24.46 22.57
CA VAL A 504 10.83 -25.39 23.21
C VAL A 504 9.53 -24.69 23.58
N MET A 505 9.57 -23.36 23.72
CA MET A 505 8.40 -22.58 24.06
C MET A 505 7.31 -22.71 23.00
N ILE A 506 7.74 -22.87 21.75
CA ILE A 506 6.80 -22.96 20.63
C ILE A 506 5.88 -24.16 20.74
N PRO A 507 6.45 -25.37 20.83
CA PRO A 507 5.60 -26.56 21.01
C PRO A 507 4.97 -26.61 22.40
N ALA A 508 5.62 -26.01 23.38
CA ALA A 508 5.13 -26.02 24.75
C ALA A 508 3.84 -25.23 24.89
N VAL A 509 3.87 -23.97 24.47
CA VAL A 509 2.69 -23.12 24.52
C VAL A 509 1.60 -23.65 23.59
N ALA A 510 2.02 -24.31 22.52
CA ALA A 510 1.09 -24.93 21.59
C ALA A 510 0.29 -26.02 22.29
N ILE A 511 0.96 -26.79 23.14
CA ILE A 511 0.32 -27.87 23.88
C ILE A 511 -0.46 -27.36 25.09
N PHE A 512 0.09 -26.36 25.76
CA PHE A 512 -0.50 -25.85 27.00
C PHE A 512 -1.94 -25.36 26.84
N LYS A 513 -2.14 -24.41 25.94
CA LYS A 513 -3.48 -23.84 25.75
C LYS A 513 -4.29 -24.68 24.76
N LEU A 514 -3.69 -25.74 24.25
CA LEU A 514 -4.41 -26.70 23.44
C LEU A 514 -5.23 -27.60 24.36
N LEU A 515 -4.74 -27.78 25.57
CA LEU A 515 -5.44 -28.54 26.59
C LEU A 515 -6.35 -27.66 27.43
N SER A 516 -6.22 -26.35 27.25
CA SER A 516 -6.99 -25.37 28.01
C SER A 516 -8.40 -25.21 27.47
N THR A 517 -8.51 -25.15 26.15
CA THR A 517 -9.80 -24.95 25.49
C THR A 517 -10.58 -26.26 25.40
N PRO A 518 -11.91 -26.16 25.39
CA PRO A 518 -12.80 -27.32 25.34
C PRO A 518 -13.04 -27.84 23.92
N GLY A 519 -13.82 -28.92 23.82
CA GLY A 519 -14.13 -29.51 22.54
C GLY A 519 -13.08 -30.53 22.13
N SER A 520 -13.12 -30.92 20.86
CA SER A 520 -12.17 -31.88 20.34
C SER A 520 -11.68 -31.48 18.95
N LEU A 521 -10.37 -31.57 18.75
CA LEU A 521 -9.79 -31.29 17.43
C LEU A 521 -10.48 -32.14 16.39
N ARG A 522 -10.77 -31.57 15.23
CA ARG A 522 -10.24 -30.27 14.80
C ARG A 522 -10.75 -29.05 15.58
N GLN A 523 -11.89 -29.18 16.24
CA GLN A 523 -12.55 -28.04 16.90
C GLN A 523 -11.61 -27.22 17.79
N ARG A 524 -10.80 -27.90 18.60
CA ARG A 524 -9.85 -27.20 19.46
C ARG A 524 -8.73 -26.62 18.61
N PHE A 525 -8.35 -27.35 17.56
CA PHE A 525 -7.30 -26.94 16.64
C PHE A 525 -7.69 -25.67 15.87
N THR A 526 -8.90 -25.69 15.31
CA THR A 526 -9.37 -24.59 14.48
C THR A 526 -9.56 -23.30 15.27
N ILE A 527 -9.78 -23.42 16.57
CA ILE A 527 -9.88 -22.24 17.42
C ILE A 527 -8.54 -21.54 17.50
N LEU A 528 -7.45 -22.32 17.51
CA LEU A 528 -6.12 -21.76 17.63
C LEU A 528 -5.52 -21.40 16.27
N THR A 529 -6.15 -21.86 15.19
CA THR A 529 -5.69 -21.54 13.84
C THR A 529 -6.44 -20.34 13.27
N THR A 530 -7.39 -19.83 14.03
CA THR A 530 -8.12 -18.62 13.64
C THR A 530 -7.49 -17.39 14.30
N PRO A 531 -7.23 -16.35 13.49
CA PRO A 531 -6.66 -15.08 13.95
C PRO A 531 -7.66 -14.33 14.80
N TRP A 532 -7.38 -13.09 15.17
CA TRP A 532 -8.32 -12.39 16.03
C TRP A 532 -9.28 -11.63 15.14
N ARG A 533 -10.50 -12.16 15.05
CA ARG A 533 -11.56 -11.60 14.23
C ARG A 533 -12.58 -10.79 15.03
N ASP A 534 -12.39 -10.76 16.35
CA ASP A 534 -13.41 -10.22 17.25
C ASP A 534 -14.66 -11.10 17.23
N GLU B 1 -15.15 14.97 5.29
CA GLU B 1 -15.14 14.50 3.90
C GLU B 1 -14.34 15.43 3.00
N ASN B 2 -13.60 14.84 2.06
CA ASN B 2 -12.78 15.62 1.15
C ASN B 2 -13.56 15.96 -0.10
N VAL B 3 -13.85 17.25 -0.29
CA VAL B 3 -14.67 17.69 -1.40
C VAL B 3 -13.82 18.07 -2.61
N LEU B 4 -13.98 17.34 -3.69
CA LEU B 4 -13.29 17.64 -4.94
C LEU B 4 -14.18 18.47 -5.85
N THR B 5 -13.70 19.67 -6.20
CA THR B 5 -14.45 20.56 -7.08
C THR B 5 -13.74 20.72 -8.41
N GLN B 6 -14.48 20.53 -9.50
CA GLN B 6 -13.91 20.64 -10.84
C GLN B 6 -14.49 21.80 -11.62
N SER B 7 -13.63 22.49 -12.37
CA SER B 7 -14.06 23.58 -13.22
C SER B 7 -13.23 23.59 -14.51
N PRO B 8 -13.83 24.06 -15.62
CA PRO B 8 -15.22 24.54 -15.65
C PRO B 8 -16.23 23.40 -15.58
N ALA B 9 -17.48 23.73 -15.25
CA ALA B 9 -18.55 22.73 -15.20
C ALA B 9 -18.81 22.18 -16.60
N ILE B 10 -19.07 23.07 -17.54
CA ILE B 10 -19.23 22.68 -18.94
C ILE B 10 -18.20 23.41 -19.80
N MET B 11 -17.67 22.72 -20.78
CA MET B 11 -16.59 23.27 -21.61
C MET B 11 -16.80 22.96 -23.09
N SER B 12 -16.80 24.01 -23.91
CA SER B 12 -16.90 23.83 -25.35
C SER B 12 -15.55 24.09 -26.01
N THR B 13 -15.16 23.20 -26.92
CA THR B 13 -13.86 23.31 -27.58
C THR B 13 -13.89 22.82 -29.02
N SER B 14 -13.18 23.52 -29.88
CA SER B 14 -13.03 23.11 -31.28
C SER B 14 -11.94 22.07 -31.41
N PRO B 15 -12.19 21.04 -32.24
CA PRO B 15 -11.23 19.94 -32.44
C PRO B 15 -9.84 20.43 -32.84
N GLY B 16 -8.82 19.92 -32.16
CA GLY B 16 -7.45 20.31 -32.45
C GLY B 16 -6.89 21.29 -31.43
N GLU B 17 -7.77 22.00 -30.72
CA GLU B 17 -7.33 22.97 -29.73
C GLU B 17 -6.79 22.29 -28.48
N LYS B 18 -6.33 23.10 -27.52
CA LYS B 18 -5.81 22.57 -26.27
C LYS B 18 -6.76 22.93 -25.12
N VAL B 19 -7.23 21.90 -24.41
CA VAL B 19 -8.15 22.11 -23.31
C VAL B 19 -7.52 21.74 -21.98
N THR B 20 -7.87 22.48 -20.93
CA THR B 20 -7.38 22.20 -19.60
C THR B 20 -8.50 22.31 -18.57
N MET B 21 -8.69 21.25 -17.80
CA MET B 21 -9.70 21.24 -16.74
C MET B 21 -9.01 20.97 -15.41
N THR B 22 -9.40 21.72 -14.37
CA THR B 22 -8.72 21.60 -13.09
C THR B 22 -9.51 20.80 -12.06
N CYS B 23 -8.88 20.57 -10.92
CA CYS B 23 -9.50 19.86 -9.80
C CYS B 23 -8.98 20.45 -8.49
N ARG B 24 -9.88 20.69 -7.54
CA ARG B 24 -9.46 21.29 -6.27
C ARG B 24 -10.11 20.58 -5.09
N ALA B 25 -9.28 20.20 -4.12
CA ALA B 25 -9.73 19.43 -2.98
C ALA B 25 -9.75 20.26 -1.69
N SER B 26 -10.69 19.95 -0.81
CA SER B 26 -10.77 20.60 0.49
C SER B 26 -9.49 20.36 1.28
N SER B 27 -9.03 19.11 1.25
CA SER B 27 -7.79 18.73 1.93
C SER B 27 -6.75 18.26 0.92
N SER B 28 -5.48 18.37 1.29
CA SER B 28 -4.40 17.93 0.42
C SER B 28 -4.51 16.44 0.13
N VAL B 29 -4.29 16.08 -1.12
CA VAL B 29 -4.37 14.68 -1.54
C VAL B 29 -3.04 14.19 -2.10
N GLY B 30 -2.70 12.95 -1.79
CA GLY B 30 -1.48 12.34 -2.30
C GLY B 30 -1.47 12.32 -3.82
N SER B 31 -0.33 12.66 -4.40
CA SER B 31 -0.21 12.75 -5.86
C SER B 31 -0.45 11.40 -6.53
N SER B 32 -0.22 10.32 -5.79
CA SER B 32 -0.43 8.98 -6.33
C SER B 32 -1.87 8.50 -6.10
N TYR B 33 -2.60 9.23 -5.27
CA TYR B 33 -3.97 8.84 -4.93
C TYR B 33 -5.04 9.58 -5.74
N LEU B 34 -4.60 10.44 -6.67
CA LEU B 34 -5.57 11.17 -7.49
C LEU B 34 -5.69 10.57 -8.89
N HIS B 35 -6.92 10.28 -9.30
CA HIS B 35 -7.17 9.63 -10.58
C HIS B 35 -8.26 10.34 -11.37
N TRP B 36 -8.26 10.12 -12.69
CA TRP B 36 -9.25 10.74 -13.57
C TRP B 36 -10.04 9.70 -14.33
N TYR B 37 -11.34 9.93 -14.48
CA TYR B 37 -12.20 9.02 -15.20
C TYR B 37 -12.93 9.73 -16.34
N GLN B 38 -13.08 9.01 -17.45
CA GLN B 38 -13.83 9.54 -18.59
C GLN B 38 -15.11 8.75 -18.81
N GLN B 39 -16.24 9.43 -18.68
CA GLN B 39 -17.54 8.79 -18.89
C GLN B 39 -18.25 9.37 -20.10
N LYS B 40 -18.36 8.58 -21.17
CA LYS B 40 -19.08 9.00 -22.35
C LYS B 40 -20.59 8.86 -22.13
N SER B 41 -21.36 9.63 -22.90
CA SER B 41 -22.81 9.67 -22.74
C SER B 41 -23.45 8.29 -22.84
N GLY B 42 -24.26 7.95 -21.83
CA GLY B 42 -24.97 6.68 -21.80
C GLY B 42 -24.06 5.48 -21.64
N ALA B 43 -22.86 5.72 -21.12
CA ALA B 43 -21.88 4.66 -20.93
C ALA B 43 -21.29 4.70 -19.53
N SER B 44 -20.68 3.60 -19.12
CA SER B 44 -20.07 3.50 -17.81
C SER B 44 -18.74 4.26 -17.78
N PRO B 45 -18.37 4.77 -16.59
CA PRO B 45 -17.10 5.48 -16.41
C PRO B 45 -15.92 4.56 -16.73
N LYS B 46 -14.80 5.15 -17.16
CA LYS B 46 -13.62 4.37 -17.49
C LYS B 46 -12.37 5.01 -16.89
N LEU B 47 -11.49 4.18 -16.35
CA LEU B 47 -10.23 4.68 -15.80
C LEU B 47 -9.42 5.35 -16.90
N TRP B 48 -9.00 6.59 -16.67
CA TRP B 48 -8.31 7.37 -17.68
C TRP B 48 -6.89 7.70 -17.24
N ILE B 49 -6.77 8.46 -16.16
CA ILE B 49 -5.47 8.82 -15.61
C ILE B 49 -5.40 8.51 -14.12
N TYR B 50 -4.35 7.80 -13.71
CA TYR B 50 -4.16 7.46 -12.31
C TYR B 50 -2.81 7.96 -11.80
N SER B 51 -2.73 8.19 -10.50
CA SER B 51 -1.51 8.69 -9.87
C SER B 51 -1.11 10.06 -10.43
N THR B 52 -2.10 10.80 -10.93
CA THR B 52 -1.93 12.18 -11.35
C THR B 52 -1.20 12.34 -12.69
N SER B 53 -0.53 11.27 -13.12
CA SER B 53 0.28 11.34 -14.33
C SER B 53 0.00 10.19 -15.28
N ASN B 54 0.27 8.97 -14.82
CA ASN B 54 0.19 7.77 -15.66
C ASN B 54 -1.15 7.60 -16.34
N LEU B 55 -1.12 7.42 -17.67
CA LEU B 55 -2.34 7.17 -18.42
C LEU B 55 -2.77 5.71 -18.26
N ALA B 56 -3.90 5.36 -18.84
CA ALA B 56 -4.37 3.98 -18.80
C ALA B 56 -4.14 3.31 -20.15
N SER B 57 -4.48 2.03 -20.23
CA SER B 57 -4.33 1.29 -21.48
C SER B 57 -5.45 1.66 -22.44
N GLY B 58 -5.07 2.10 -23.64
CA GLY B 58 -6.04 2.51 -24.64
C GLY B 58 -6.16 4.02 -24.71
N VAL B 59 -5.61 4.70 -23.70
CA VAL B 59 -5.64 6.15 -23.66
C VAL B 59 -4.53 6.76 -24.50
N PRO B 60 -4.92 7.58 -25.50
CA PRO B 60 -3.97 8.25 -26.40
C PRO B 60 -3.00 9.16 -25.65
N ALA B 61 -1.87 9.46 -26.26
CA ALA B 61 -0.84 10.28 -25.62
C ALA B 61 -1.24 11.75 -25.53
N ARG B 62 -2.35 12.10 -26.19
CA ARG B 62 -2.80 13.48 -26.20
C ARG B 62 -3.25 13.93 -24.81
N PHE B 63 -3.60 12.95 -23.97
CA PHE B 63 -4.00 13.23 -22.60
C PHE B 63 -2.79 13.27 -21.67
N SER B 64 -2.77 14.25 -20.78
CA SER B 64 -1.70 14.37 -19.79
C SER B 64 -2.25 14.87 -18.45
N GLY B 65 -1.79 14.24 -17.36
CA GLY B 65 -2.18 14.67 -16.03
C GLY B 65 -1.14 15.55 -15.39
N SER B 66 -1.54 16.28 -14.34
CA SER B 66 -0.61 17.15 -13.62
C SER B 66 -1.20 17.65 -12.30
N GLY B 67 -0.40 18.42 -11.56
CA GLY B 67 -0.83 19.00 -10.32
C GLY B 67 -0.39 18.24 -9.08
N SER B 68 -0.67 18.80 -7.92
CA SER B 68 -0.37 18.16 -6.64
C SER B 68 -1.08 18.89 -5.51
N GLY B 69 -0.93 18.39 -4.29
CA GLY B 69 -1.57 19.00 -3.14
C GLY B 69 -3.07 19.08 -3.29
N THR B 70 -3.60 20.29 -3.19
CA THR B 70 -5.04 20.52 -3.32
C THR B 70 -5.45 20.94 -4.73
N SER B 71 -4.49 20.98 -5.66
CA SER B 71 -4.78 21.43 -7.01
C SER B 71 -4.23 20.48 -8.08
N TYR B 72 -5.11 19.97 -8.92
CA TYR B 72 -4.72 19.11 -10.03
C TYR B 72 -5.39 19.53 -11.33
N SER B 73 -4.87 19.04 -12.45
CA SER B 73 -5.42 19.41 -13.75
C SER B 73 -5.27 18.29 -14.79
N LEU B 74 -6.25 18.19 -15.67
CA LEU B 74 -6.18 17.28 -16.80
C LEU B 74 -6.11 18.09 -18.08
N THR B 75 -5.17 17.73 -18.96
CA THR B 75 -4.95 18.49 -20.19
C THR B 75 -4.95 17.61 -21.43
N ILE B 76 -5.64 18.08 -22.47
CA ILE B 76 -5.65 17.41 -23.76
C ILE B 76 -4.91 18.27 -24.78
N SER B 77 -3.79 17.76 -25.30
CA SER B 77 -2.94 18.53 -26.20
C SER B 77 -3.71 18.99 -27.44
N SER B 78 -4.25 18.03 -28.19
CA SER B 78 -5.11 18.35 -29.31
C SER B 78 -6.42 17.56 -29.20
N VAL B 79 -7.51 18.27 -28.99
CA VAL B 79 -8.80 17.65 -28.74
C VAL B 79 -9.38 17.04 -30.01
N GLU B 80 -10.01 15.87 -29.87
CA GLU B 80 -10.69 15.23 -30.97
C GLU B 80 -12.15 14.98 -30.62
N ALA B 81 -12.98 14.80 -31.64
CA ALA B 81 -14.43 14.65 -31.45
C ALA B 81 -14.77 13.48 -30.52
N GLU B 82 -13.91 12.46 -30.51
CA GLU B 82 -14.17 11.28 -29.70
C GLU B 82 -13.73 11.51 -28.26
N ASP B 83 -13.18 12.70 -27.99
CA ASP B 83 -12.76 13.05 -26.65
C ASP B 83 -13.87 13.77 -25.89
N ALA B 84 -15.02 13.94 -26.54
CA ALA B 84 -16.12 14.64 -25.89
C ALA B 84 -16.84 13.72 -24.91
N ALA B 85 -16.80 14.09 -23.64
CA ALA B 85 -17.42 13.32 -22.58
C ALA B 85 -17.36 14.10 -21.27
N THR B 86 -17.86 13.50 -20.20
CA THR B 86 -17.73 14.09 -18.87
C THR B 86 -16.56 13.46 -18.15
N TYR B 87 -15.67 14.29 -17.62
CA TYR B 87 -14.48 13.80 -16.93
C TYR B 87 -14.58 14.00 -15.42
N TYR B 88 -14.32 12.93 -14.68
CA TYR B 88 -14.40 12.97 -13.23
C TYR B 88 -13.04 12.71 -12.58
N CYS B 89 -12.62 13.62 -11.72
CA CYS B 89 -11.41 13.40 -10.92
C CYS B 89 -11.81 12.83 -9.57
N GLN B 90 -10.98 11.95 -9.03
CA GLN B 90 -11.31 11.27 -7.77
C GLN B 90 -10.07 10.94 -6.95
N GLN B 91 -10.23 10.89 -5.64
CA GLN B 91 -9.11 10.66 -4.73
C GLN B 91 -9.28 9.39 -3.89
N PHE B 92 -8.24 8.57 -3.84
CA PHE B 92 -8.22 7.39 -2.98
C PHE B 92 -7.46 7.63 -1.68
N SER B 93 -7.00 8.86 -1.48
CA SER B 93 -6.15 9.19 -0.34
C SER B 93 -6.76 8.80 1.00
N GLY B 94 -8.06 8.99 1.15
CA GLY B 94 -8.73 8.67 2.40
C GLY B 94 -10.22 8.44 2.25
N TYR B 95 -10.80 7.72 3.22
CA TYR B 95 -12.22 7.45 3.23
C TYR B 95 -12.98 8.54 4.00
N PRO B 96 -14.20 8.86 3.55
CA PRO B 96 -14.83 8.23 2.40
C PRO B 96 -14.22 8.71 1.08
N LEU B 97 -14.27 7.87 0.06
CA LEU B 97 -13.76 8.22 -1.26
C LEU B 97 -14.70 9.21 -1.94
N THR B 98 -14.13 10.18 -2.64
CA THR B 98 -14.94 11.23 -3.26
C THR B 98 -14.58 11.49 -4.71
N PHE B 99 -15.61 11.75 -5.51
CA PHE B 99 -15.44 12.10 -6.93
C PHE B 99 -15.62 13.61 -7.13
N GLY B 100 -14.87 14.18 -8.07
CA GLY B 100 -15.01 15.58 -8.40
C GLY B 100 -16.35 15.86 -9.04
N SER B 101 -16.73 17.14 -9.08
CA SER B 101 -18.01 17.55 -9.65
C SER B 101 -18.10 17.18 -11.13
N GLY B 102 -16.94 17.04 -11.76
CA GLY B 102 -16.88 16.63 -13.16
C GLY B 102 -16.85 17.81 -14.12
N THR B 103 -16.19 17.60 -15.26
CA THR B 103 -16.13 18.61 -16.30
C THR B 103 -16.65 18.04 -17.62
N LYS B 104 -17.77 18.57 -18.10
CA LYS B 104 -18.35 18.09 -19.34
C LYS B 104 -17.70 18.77 -20.54
N LEU B 105 -17.07 17.97 -21.40
CA LEU B 105 -16.40 18.49 -22.57
C LEU B 105 -17.25 18.31 -23.81
N GLU B 106 -17.61 19.42 -24.44
CA GLU B 106 -18.41 19.39 -25.66
C GLU B 106 -17.65 20.00 -26.83
N MET B 107 -17.95 19.53 -28.03
CA MET B 107 -17.28 20.03 -29.23
C MET B 107 -17.95 21.29 -29.76
N LYS B 108 -17.14 22.30 -30.06
CA LYS B 108 -17.64 23.54 -30.62
C LYS B 108 -17.66 23.46 -32.14
N ARG B 109 -18.73 23.98 -32.74
CA ARG B 109 -18.86 23.99 -34.19
C ARG B 109 -19.54 25.27 -34.67
N ALA B 110 -19.76 25.36 -35.98
CA ALA B 110 -20.39 26.53 -36.57
C ALA B 110 -21.87 26.62 -36.17
N ASP B 111 -22.35 27.83 -35.96
CA ASP B 111 -23.74 28.05 -35.59
C ASP B 111 -24.68 27.57 -36.69
N ALA B 112 -25.77 26.95 -36.28
CA ALA B 112 -26.78 26.45 -37.23
C ALA B 112 -28.19 26.70 -36.70
N ALA B 113 -29.03 27.26 -37.55
CA ALA B 113 -30.42 27.53 -37.19
C ALA B 113 -31.18 26.22 -37.03
N PRO B 114 -32.09 26.17 -36.04
CA PRO B 114 -32.85 24.96 -35.75
C PRO B 114 -33.92 24.68 -36.80
N THR B 115 -34.14 23.41 -37.12
CA THR B 115 -35.24 23.02 -37.99
C THR B 115 -36.44 22.70 -37.11
N VAL B 116 -37.46 23.55 -37.19
CA VAL B 116 -38.58 23.46 -36.27
C VAL B 116 -39.79 22.79 -36.91
N SER B 117 -40.50 21.99 -36.11
CA SER B 117 -41.68 21.30 -36.57
C SER B 117 -42.77 21.32 -35.50
N ILE B 118 -44.00 21.64 -35.89
CA ILE B 118 -45.10 21.69 -34.95
C ILE B 118 -46.14 20.62 -35.25
N PHE B 119 -46.59 19.93 -34.21
CA PHE B 119 -47.60 18.89 -34.38
C PHE B 119 -48.81 19.15 -33.50
N PRO B 120 -50.02 18.91 -34.04
CA PRO B 120 -51.29 19.04 -33.34
C PRO B 120 -51.57 17.85 -32.42
N PRO B 121 -52.45 18.03 -31.43
CA PRO B 121 -52.85 16.94 -30.52
C PRO B 121 -53.40 15.75 -31.30
N SER B 122 -52.94 14.55 -30.95
CA SER B 122 -53.39 13.34 -31.61
C SER B 122 -54.82 12.98 -31.20
N SER B 123 -55.62 12.57 -32.18
CA SER B 123 -57.02 12.21 -31.94
C SER B 123 -57.17 11.12 -30.89
N GLU B 124 -56.16 10.26 -30.77
CA GLU B 124 -56.14 9.21 -29.77
C GLU B 124 -56.09 9.81 -28.37
N GLN B 125 -55.44 10.96 -28.26
CA GLN B 125 -55.29 11.64 -26.97
C GLN B 125 -56.55 12.40 -26.56
N LEU B 126 -57.20 13.04 -27.54
CA LEU B 126 -58.39 13.84 -27.27
C LEU B 126 -59.50 13.02 -26.63
N THR B 127 -59.63 11.76 -27.06
CA THR B 127 -60.65 10.88 -26.51
C THR B 127 -60.40 10.60 -25.03
N SER B 128 -59.14 10.70 -24.63
CA SER B 128 -58.77 10.50 -23.23
C SER B 128 -59.07 11.75 -22.42
N GLY B 129 -59.43 12.83 -23.10
CA GLY B 129 -59.79 14.08 -22.47
C GLY B 129 -58.67 15.11 -22.48
N GLY B 130 -57.44 14.65 -22.63
CA GLY B 130 -56.30 15.55 -22.71
C GLY B 130 -55.92 15.90 -24.14
N ALA B 131 -55.31 17.07 -24.31
CA ALA B 131 -54.76 17.46 -25.60
C ALA B 131 -53.40 18.12 -25.42
N SER B 132 -52.37 17.53 -26.02
CA SER B 132 -51.02 18.05 -25.87
C SER B 132 -50.38 18.33 -27.22
N VAL B 133 -49.84 19.54 -27.37
CA VAL B 133 -49.16 19.94 -28.60
C VAL B 133 -47.66 19.76 -28.45
N VAL B 134 -47.02 19.25 -29.50
CA VAL B 134 -45.57 19.03 -29.47
C VAL B 134 -44.87 19.82 -30.57
N CYS B 135 -43.69 20.34 -30.25
CA CYS B 135 -42.90 21.10 -31.21
C CYS B 135 -41.44 20.66 -31.17
N PHE B 136 -40.92 20.25 -32.32
CA PHE B 136 -39.55 19.74 -32.40
C PHE B 136 -38.58 20.77 -32.97
N LEU B 137 -37.54 21.07 -32.20
CA LEU B 137 -36.46 21.92 -32.68
C LEU B 137 -35.21 21.07 -32.89
N ASN B 138 -34.83 20.88 -34.15
CA ASN B 138 -33.78 19.92 -34.49
C ASN B 138 -32.50 20.52 -35.06
N ASN B 139 -31.37 19.97 -34.64
CA ASN B 139 -30.08 20.26 -35.26
C ASN B 139 -29.67 21.73 -35.28
N PHE B 140 -29.35 22.26 -34.10
CA PHE B 140 -28.90 23.64 -33.98
C PHE B 140 -27.72 23.78 -33.03
N TYR B 141 -26.98 24.86 -33.17
CA TYR B 141 -25.87 25.18 -32.26
C TYR B 141 -25.79 26.69 -32.06
N PRO B 142 -25.45 27.13 -30.85
CA PRO B 142 -25.14 26.31 -29.67
C PRO B 142 -26.36 25.69 -29.03
N LYS B 143 -26.18 25.05 -27.87
CA LYS B 143 -27.23 24.30 -27.21
C LYS B 143 -28.42 25.15 -26.78
N ASP B 144 -28.15 26.30 -26.16
CA ASP B 144 -29.22 27.13 -25.60
C ASP B 144 -30.20 27.63 -26.67
N ILE B 145 -31.49 27.44 -26.41
CA ILE B 145 -32.54 27.95 -27.28
C ILE B 145 -33.81 28.21 -26.46
N ASN B 146 -34.69 29.06 -26.99
CA ASN B 146 -35.88 29.45 -26.24
C ASN B 146 -37.18 29.26 -27.03
N VAL B 147 -38.04 28.38 -26.54
CA VAL B 147 -39.33 28.14 -27.15
C VAL B 147 -40.40 29.03 -26.51
N LYS B 148 -41.31 29.53 -27.33
CA LYS B 148 -42.41 30.34 -26.82
C LYS B 148 -43.74 29.86 -27.39
N TRP B 149 -44.67 29.53 -26.49
CA TRP B 149 -45.98 29.02 -26.90
C TRP B 149 -47.04 30.11 -26.90
N LYS B 150 -47.83 30.14 -27.97
CA LYS B 150 -48.93 31.09 -28.09
C LYS B 150 -50.21 30.41 -28.56
N ILE B 151 -51.30 30.58 -27.82
CA ILE B 151 -52.57 30.15 -28.35
C ILE B 151 -53.27 31.37 -28.90
N ASP B 152 -53.56 31.33 -30.18
CA ASP B 152 -54.19 32.48 -30.80
C ASP B 152 -53.20 33.61 -30.64
N GLY B 153 -53.66 34.68 -30.03
CA GLY B 153 -52.95 35.93 -29.82
C GLY B 153 -52.04 35.99 -28.60
N SER B 154 -52.38 35.25 -27.55
CA SER B 154 -51.68 35.38 -26.27
C SER B 154 -50.82 34.16 -25.94
N GLU B 155 -49.75 34.41 -25.19
CA GLU B 155 -48.79 33.36 -24.83
C GLU B 155 -49.21 32.57 -23.58
N ARG B 156 -48.95 31.28 -23.59
CA ARG B 156 -49.20 30.41 -22.44
C ARG B 156 -47.88 29.98 -21.81
N GLN B 157 -47.63 30.42 -20.59
CA GLN B 157 -46.35 30.18 -19.93
C GLN B 157 -46.28 28.87 -19.13
N ASN B 158 -47.42 28.24 -18.89
CA ASN B 158 -47.44 27.05 -18.04
C ASN B 158 -47.97 25.81 -18.75
N GLY B 159 -47.58 24.64 -18.25
CA GLY B 159 -47.98 23.38 -18.82
C GLY B 159 -47.03 22.92 -19.92
N VAL B 160 -45.82 23.44 -19.89
CA VAL B 160 -44.83 23.14 -20.92
C VAL B 160 -43.75 22.17 -20.44
N LEU B 161 -43.49 21.15 -21.23
CA LEU B 161 -42.42 20.20 -20.93
C LEU B 161 -41.33 20.28 -22.00
N ASN B 162 -40.17 20.77 -21.60
CA ASN B 162 -39.04 20.88 -22.51
C ASN B 162 -38.06 19.73 -22.32
N SER B 163 -37.48 19.25 -23.40
CA SER B 163 -36.46 18.21 -23.35
C SER B 163 -35.37 18.48 -24.37
N TRP B 164 -34.12 18.23 -23.97
CA TRP B 164 -32.98 18.48 -24.85
C TRP B 164 -32.17 17.21 -25.06
N THR B 165 -31.78 16.98 -26.30
CA THR B 165 -30.91 15.85 -26.62
C THR B 165 -29.47 16.20 -26.31
N ASP B 166 -28.68 15.21 -25.91
CA ASP B 166 -27.26 15.41 -25.70
C ASP B 166 -26.60 15.66 -27.05
N GLN B 167 -25.42 16.27 -27.04
CA GLN B 167 -24.74 16.58 -28.29
C GLN B 167 -24.28 15.30 -28.99
N ASP B 168 -24.70 15.12 -30.23
CA ASP B 168 -24.36 13.93 -31.00
C ASP B 168 -22.92 13.97 -31.49
N SER B 169 -22.38 12.79 -31.82
CA SER B 169 -20.99 12.68 -32.25
C SER B 169 -20.85 12.83 -33.76
N LYS B 170 -21.95 13.18 -34.42
CA LYS B 170 -21.97 13.28 -35.88
C LYS B 170 -21.84 14.73 -36.35
N ASP B 171 -22.92 15.49 -36.24
CA ASP B 171 -22.88 16.90 -36.64
C ASP B 171 -22.66 17.82 -35.45
N SER B 172 -22.58 17.22 -34.26
CA SER B 172 -22.30 17.95 -33.02
C SER B 172 -23.32 19.05 -32.74
N THR B 173 -24.58 18.82 -33.12
CA THR B 173 -25.63 19.78 -32.84
C THR B 173 -26.52 19.30 -31.69
N TYR B 174 -27.53 20.09 -31.36
CA TYR B 174 -28.47 19.72 -30.31
C TYR B 174 -29.89 19.70 -30.86
N SER B 175 -30.84 19.32 -30.00
CA SER B 175 -32.25 19.31 -30.38
C SER B 175 -33.12 19.49 -29.15
N MET B 176 -34.33 20.01 -29.35
CA MET B 176 -35.25 20.26 -28.24
C MET B 176 -36.67 19.81 -28.56
N SER B 177 -37.35 19.26 -27.56
CA SER B 177 -38.75 18.89 -27.70
C SER B 177 -39.60 19.63 -26.68
N SER B 178 -40.47 20.51 -27.17
CA SER B 178 -41.35 21.28 -26.30
C SER B 178 -42.79 20.78 -26.41
N THR B 179 -43.33 20.29 -25.31
CA THR B 179 -44.68 19.75 -25.30
C THR B 179 -45.62 20.56 -24.42
N LEU B 180 -46.66 21.11 -25.03
CA LEU B 180 -47.68 21.88 -24.31
C LEU B 180 -48.93 21.03 -24.09
N THR B 181 -49.20 20.67 -22.84
CA THR B 181 -50.34 19.81 -22.52
C THR B 181 -51.53 20.62 -22.04
N LEU B 182 -52.71 20.27 -22.56
CA LEU B 182 -53.96 20.93 -22.19
C LEU B 182 -55.09 19.92 -22.07
N THR B 183 -56.20 20.35 -21.48
CA THR B 183 -57.42 19.55 -21.50
C THR B 183 -58.12 19.76 -22.83
N LYS B 184 -58.77 18.72 -23.34
CA LYS B 184 -59.41 18.81 -24.65
C LYS B 184 -60.50 19.87 -24.67
N ASP B 185 -61.28 19.93 -23.59
CA ASP B 185 -62.35 20.91 -23.48
C ASP B 185 -61.80 22.33 -23.53
N GLU B 186 -60.64 22.54 -22.91
CA GLU B 186 -60.00 23.84 -22.91
C GLU B 186 -59.16 24.02 -24.18
N TYR B 187 -58.89 22.91 -24.87
CA TYR B 187 -58.14 22.94 -26.12
C TYR B 187 -59.04 23.35 -27.29
N GLU B 188 -60.28 22.90 -27.25
CA GLU B 188 -61.22 23.13 -28.34
C GLU B 188 -61.88 24.50 -28.24
N ARG B 189 -61.52 25.25 -27.19
CA ARG B 189 -62.04 26.60 -27.00
C ARG B 189 -61.21 27.62 -27.76
N HIS B 190 -60.05 27.18 -28.26
CA HIS B 190 -59.16 28.06 -29.02
C HIS B 190 -58.81 27.41 -30.36
N ASN B 191 -58.92 28.19 -31.43
CA ASN B 191 -58.74 27.66 -32.78
C ASN B 191 -57.33 27.82 -33.36
N SER B 192 -56.45 28.46 -32.62
CA SER B 192 -55.10 28.72 -33.12
C SER B 192 -54.01 28.42 -32.10
N TYR B 193 -52.91 27.84 -32.58
CA TYR B 193 -51.77 27.52 -31.72
C TYR B 193 -50.46 27.80 -32.46
N THR B 194 -49.53 28.47 -31.77
CA THR B 194 -48.27 28.86 -32.40
C THR B 194 -47.06 28.44 -31.56
N CYS B 195 -46.07 27.88 -32.24
CA CYS B 195 -44.81 27.47 -31.60
C CYS B 195 -43.63 28.13 -32.28
N GLU B 196 -42.93 29.00 -31.56
CA GLU B 196 -41.81 29.73 -32.12
C GLU B 196 -40.60 29.73 -31.18
N ALA B 197 -39.42 29.57 -31.75
CA ALA B 197 -38.19 29.53 -30.97
C ALA B 197 -37.22 30.62 -31.39
N THR B 198 -36.77 31.41 -30.42
CA THR B 198 -35.77 32.44 -30.68
C THR B 198 -34.38 31.90 -30.38
N HIS B 199 -33.58 31.73 -31.42
CA HIS B 199 -32.21 31.24 -31.28
C HIS B 199 -31.21 32.37 -31.45
N LYS B 200 -29.93 32.06 -31.31
CA LYS B 200 -28.86 33.02 -31.52
C LYS B 200 -28.67 33.30 -33.00
N THR B 201 -29.03 32.32 -33.84
CA THR B 201 -28.80 32.39 -35.28
C THR B 201 -29.59 33.52 -35.96
N SER B 202 -30.79 33.78 -35.47
CA SER B 202 -31.65 34.79 -36.10
C SER B 202 -32.14 35.83 -35.10
N THR B 203 -32.11 37.09 -35.52
CA THR B 203 -32.61 38.18 -34.69
C THR B 203 -34.13 38.10 -34.53
N SER B 204 -34.76 37.42 -35.49
CA SER B 204 -36.20 37.18 -35.42
C SER B 204 -36.46 35.69 -35.37
N PRO B 205 -37.49 35.28 -34.61
CA PRO B 205 -37.76 33.87 -34.31
C PRO B 205 -38.32 33.06 -35.49
N ILE B 206 -37.94 31.78 -35.55
CA ILE B 206 -38.54 30.86 -36.50
C ILE B 206 -39.93 30.47 -35.99
N VAL B 207 -40.95 30.71 -36.81
CA VAL B 207 -42.32 30.54 -36.35
C VAL B 207 -43.14 29.64 -37.26
N LYS B 208 -43.87 28.69 -36.65
CA LYS B 208 -44.83 27.88 -37.36
C LYS B 208 -46.08 27.68 -36.52
N SER B 209 -47.24 27.99 -37.10
CA SER B 209 -48.50 27.82 -36.40
C SER B 209 -49.37 26.77 -37.08
N PHE B 210 -50.53 26.50 -36.48
CA PHE B 210 -51.51 25.61 -37.10
C PHE B 210 -52.90 25.97 -36.59
N ASN B 211 -53.91 25.72 -37.42
CA ASN B 211 -55.29 26.00 -37.05
C ASN B 211 -56.13 24.73 -37.01
N ARG B 212 -57.17 24.73 -36.20
CA ARG B 212 -58.04 23.57 -36.07
C ARG B 212 -58.86 23.35 -37.34
N ASN B 213 -59.08 24.45 -38.08
CA ASN B 213 -59.82 24.48 -39.35
C ASN B 213 -60.70 23.28 -39.65
N GLU C 1 -12.39 -9.85 -22.00
CA GLU C 1 -11.55 -10.26 -20.88
C GLU C 1 -12.31 -10.11 -19.56
N VAL C 2 -11.99 -9.05 -18.82
CA VAL C 2 -12.67 -8.77 -17.56
C VAL C 2 -14.04 -8.15 -17.82
N GLN C 3 -15.06 -8.68 -17.15
CA GLN C 3 -16.41 -8.15 -17.30
C GLN C 3 -17.16 -8.18 -15.98
N LEU C 4 -17.88 -7.09 -15.71
CA LEU C 4 -18.71 -6.99 -14.51
C LEU C 4 -20.15 -6.72 -14.88
N VAL C 5 -21.07 -7.44 -14.26
CA VAL C 5 -22.48 -7.29 -14.56
C VAL C 5 -23.32 -7.05 -13.31
N GLU C 6 -23.91 -5.87 -13.22
CA GLU C 6 -24.79 -5.54 -12.10
C GLU C 6 -26.19 -6.05 -12.39
N SER C 7 -26.78 -6.74 -11.41
CA SER C 7 -28.11 -7.29 -11.55
C SER C 7 -29.00 -6.86 -10.39
N GLY C 8 -30.30 -7.03 -10.56
CA GLY C 8 -31.26 -6.61 -9.55
C GLY C 8 -31.47 -5.11 -9.63
N GLY C 9 -32.32 -4.59 -8.75
CA GLY C 9 -32.62 -3.16 -8.75
C GLY C 9 -33.84 -2.84 -9.58
N GLY C 10 -34.55 -1.78 -9.19
CA GLY C 10 -35.78 -1.40 -9.83
C GLY C 10 -36.56 -0.44 -8.94
N LEU C 11 -37.87 -0.38 -9.13
CA LEU C 11 -38.71 0.48 -8.29
C LEU C 11 -38.85 -0.08 -6.88
N VAL C 12 -38.61 0.77 -5.89
CA VAL C 12 -38.77 0.38 -4.49
C VAL C 12 -39.37 1.53 -3.69
N LYS C 13 -40.32 1.22 -2.83
CA LYS C 13 -40.98 2.23 -2.02
C LYS C 13 -40.07 2.69 -0.88
N PRO C 14 -40.15 3.98 -0.53
CA PRO C 14 -39.33 4.57 0.54
C PRO C 14 -39.45 3.80 1.86
N GLY C 15 -38.30 3.50 2.47
CA GLY C 15 -38.28 2.72 3.69
C GLY C 15 -38.07 1.24 3.39
N GLY C 16 -38.26 0.87 2.14
CA GLY C 16 -38.13 -0.52 1.73
C GLY C 16 -36.68 -0.99 1.68
N SER C 17 -36.48 -2.20 1.18
CA SER C 17 -35.14 -2.78 1.09
C SER C 17 -34.96 -3.58 -0.19
N LEU C 18 -33.72 -3.66 -0.65
CA LEU C 18 -33.41 -4.40 -1.87
C LEU C 18 -31.96 -4.87 -1.87
N LYS C 19 -31.67 -5.91 -2.64
CA LYS C 19 -30.31 -6.44 -2.73
C LYS C 19 -29.78 -6.42 -4.16
N LEU C 20 -28.59 -5.84 -4.33
CA LEU C 20 -27.97 -5.78 -5.65
C LEU C 20 -26.82 -6.76 -5.75
N SER C 21 -26.63 -7.33 -6.94
CA SER C 21 -25.58 -8.32 -7.16
C SER C 21 -24.72 -7.96 -8.37
N CYS C 22 -23.42 -8.23 -8.27
CA CYS C 22 -22.49 -7.99 -9.36
C CYS C 22 -21.75 -9.28 -9.70
N ALA C 23 -21.91 -9.74 -10.94
CA ALA C 23 -21.27 -10.97 -11.37
C ALA C 23 -19.91 -10.69 -12.00
N ALA C 24 -18.85 -11.15 -11.35
CA ALA C 24 -17.49 -10.90 -11.80
C ALA C 24 -16.92 -12.08 -12.58
N SER C 25 -16.27 -11.78 -13.70
CA SER C 25 -15.63 -12.81 -14.51
C SER C 25 -14.47 -12.23 -15.31
N GLY C 26 -13.49 -13.07 -15.64
CA GLY C 26 -12.35 -12.65 -16.43
C GLY C 26 -11.09 -12.40 -15.60
N PHE C 27 -11.22 -12.56 -14.29
CA PHE C 27 -10.10 -12.34 -13.38
C PHE C 27 -10.33 -13.11 -12.09
N THR C 28 -9.29 -13.28 -11.29
CA THR C 28 -9.45 -13.93 -10.00
C THR C 28 -10.14 -12.95 -9.06
N PHE C 29 -11.31 -13.34 -8.58
CA PHE C 29 -12.17 -12.45 -7.82
C PHE C 29 -11.65 -12.23 -6.40
N SER C 30 -11.12 -13.29 -5.80
CA SER C 30 -10.63 -13.23 -4.42
C SER C 30 -9.43 -12.30 -4.30
N SER C 31 -8.74 -12.05 -5.40
CA SER C 31 -7.53 -11.23 -5.39
C SER C 31 -7.83 -9.74 -5.34
N TYR C 32 -8.84 -9.31 -6.08
CA TYR C 32 -9.14 -7.88 -6.19
C TYR C 32 -10.28 -7.45 -5.27
N ALA C 33 -10.11 -6.29 -4.65
CA ALA C 33 -11.17 -5.70 -3.83
C ALA C 33 -12.21 -5.03 -4.70
N MET C 34 -13.44 -4.94 -4.21
CA MET C 34 -14.54 -4.36 -4.97
C MET C 34 -15.16 -3.17 -4.25
N SER C 35 -15.84 -2.32 -5.01
CA SER C 35 -16.51 -1.16 -4.44
C SER C 35 -17.80 -0.86 -5.19
N TRP C 36 -18.75 -0.24 -4.49
CA TRP C 36 -20.00 0.20 -5.12
C TRP C 36 -20.00 1.71 -5.29
N VAL C 37 -20.14 2.15 -6.53
CA VAL C 37 -20.21 3.58 -6.83
C VAL C 37 -21.51 3.89 -7.58
N ARG C 38 -22.31 4.78 -7.01
CA ARG C 38 -23.59 5.13 -7.60
C ARG C 38 -23.55 6.51 -8.25
N GLN C 39 -24.31 6.68 -9.33
CA GLN C 39 -24.41 7.97 -10.00
C GLN C 39 -25.87 8.41 -10.05
N SER C 40 -26.16 9.53 -9.40
CA SER C 40 -27.52 10.06 -9.36
C SER C 40 -27.98 10.53 -10.73
N PRO C 41 -29.29 10.76 -10.89
CA PRO C 41 -29.86 11.27 -12.14
C PRO C 41 -29.30 12.63 -12.50
N GLU C 42 -28.66 13.28 -11.53
CA GLU C 42 -27.99 14.56 -11.75
C GLU C 42 -26.54 14.32 -12.18
N LYS C 43 -26.20 13.05 -12.39
CA LYS C 43 -24.88 12.65 -12.89
C LYS C 43 -23.76 12.92 -11.89
N ARG C 44 -24.08 12.92 -10.61
CA ARG C 44 -23.07 13.08 -9.57
C ARG C 44 -22.59 11.72 -9.08
N LEU C 45 -21.30 11.44 -9.28
CA LEU C 45 -20.72 10.18 -8.83
C LEU C 45 -20.44 10.19 -7.34
N GLU C 46 -20.98 9.22 -6.63
CA GLU C 46 -20.74 9.09 -5.19
C GLU C 46 -20.32 7.68 -4.83
N TRP C 47 -19.20 7.56 -4.15
CA TRP C 47 -18.71 6.27 -3.67
C TRP C 47 -19.58 5.79 -2.51
N VAL C 48 -20.04 4.54 -2.58
CA VAL C 48 -20.94 4.00 -1.58
C VAL C 48 -20.18 3.20 -0.51
N ALA C 49 -19.62 2.07 -0.91
CA ALA C 49 -18.90 1.21 0.02
C ALA C 49 -17.82 0.38 -0.67
N GLU C 50 -16.80 0.00 0.08
CA GLU C 50 -15.74 -0.88 -0.44
C GLU C 50 -15.59 -2.11 0.43
N ILE C 51 -15.34 -3.25 -0.22
CA ILE C 51 -15.08 -4.49 0.49
C ILE C 51 -13.70 -5.02 0.11
N SER C 52 -13.06 -5.73 1.05
CA SER C 52 -11.71 -6.22 0.82
C SER C 52 -11.71 -7.39 -0.15
N SER C 53 -10.52 -7.89 -0.47
CA SER C 53 -10.38 -9.02 -1.37
C SER C 53 -10.87 -10.29 -0.68
N GLY C 54 -10.74 -10.32 0.64
CA GLY C 54 -11.20 -11.44 1.43
C GLY C 54 -12.48 -11.11 2.18
N GLY C 55 -12.98 -9.89 1.99
CA GLY C 55 -14.20 -9.46 2.64
C GLY C 55 -14.02 -9.28 4.13
N ARG C 56 -12.99 -8.56 4.53
CA ARG C 56 -12.71 -8.32 5.94
C ARG C 56 -12.81 -6.84 6.28
N TYR C 57 -11.95 -6.03 5.67
CA TYR C 57 -11.99 -4.58 5.89
C TYR C 57 -13.09 -3.95 5.05
N ILE C 58 -14.01 -3.25 5.72
CA ILE C 58 -15.15 -2.64 5.04
C ILE C 58 -15.23 -1.14 5.32
N TYR C 59 -15.55 -0.37 4.30
CA TYR C 59 -15.71 1.08 4.44
C TYR C 59 -17.01 1.55 3.80
N TYR C 60 -17.72 2.42 4.51
CA TYR C 60 -18.96 3.00 3.98
C TYR C 60 -18.89 4.52 3.95
N SER C 61 -19.69 5.12 3.08
CA SER C 61 -19.89 6.57 3.10
C SER C 61 -20.84 6.90 4.25
N ASP C 62 -20.71 8.09 4.81
CA ASP C 62 -21.53 8.49 5.94
C ASP C 62 -23.02 8.55 5.57
N THR C 63 -23.29 8.61 4.28
CA THR C 63 -24.66 8.68 3.78
C THR C 63 -25.41 7.36 3.98
N VAL C 64 -24.82 6.28 3.51
CA VAL C 64 -25.47 4.96 3.54
C VAL C 64 -25.07 4.14 4.76
N THR C 65 -24.26 4.71 5.65
CA THR C 65 -23.75 3.97 6.80
C THR C 65 -24.86 3.46 7.70
N GLY C 66 -24.84 2.14 7.93
CA GLY C 66 -25.81 1.50 8.80
C GLY C 66 -27.06 1.05 8.09
N ARG C 67 -27.37 1.70 6.98
CA ARG C 67 -28.52 1.31 6.16
C ARG C 67 -28.11 0.36 5.02
N PHE C 68 -26.81 0.24 4.80
CA PHE C 68 -26.29 -0.58 3.71
C PHE C 68 -25.33 -1.66 4.20
N THR C 69 -25.37 -2.81 3.53
CA THR C 69 -24.46 -3.90 3.85
C THR C 69 -23.88 -4.50 2.58
N ILE C 70 -22.56 -4.43 2.44
CA ILE C 70 -21.88 -4.98 1.28
C ILE C 70 -21.27 -6.34 1.58
N SER C 71 -21.66 -7.35 0.82
CA SER C 71 -21.15 -8.70 1.07
C SER C 71 -20.27 -9.18 -0.08
N ARG C 72 -19.67 -10.34 0.09
CA ARG C 72 -18.82 -10.91 -0.94
C ARG C 72 -18.94 -12.43 -0.99
N ASP C 73 -19.14 -12.97 -2.19
CA ASP C 73 -19.05 -14.41 -2.38
C ASP C 73 -17.87 -14.72 -3.29
N ASN C 74 -16.82 -15.29 -2.72
CA ASN C 74 -15.62 -15.58 -3.48
C ASN C 74 -15.69 -16.95 -4.15
N ALA C 75 -16.67 -17.74 -3.75
CA ALA C 75 -16.89 -19.05 -4.36
C ALA C 75 -17.46 -18.89 -5.77
N ARG C 76 -18.56 -18.14 -5.88
CA ARG C 76 -19.20 -17.92 -7.16
C ARG C 76 -18.78 -16.59 -7.80
N ASN C 77 -17.89 -15.87 -7.12
CA ASN C 77 -17.43 -14.58 -7.61
C ASN C 77 -18.56 -13.58 -7.78
N ILE C 78 -19.36 -13.41 -6.74
CA ILE C 78 -20.49 -12.49 -6.78
C ILE C 78 -20.39 -11.41 -5.70
N LEU C 79 -20.52 -10.15 -6.13
CA LEU C 79 -20.54 -9.03 -5.20
C LEU C 79 -21.98 -8.67 -4.84
N HIS C 80 -22.21 -8.32 -3.58
CA HIS C 80 -23.56 -8.03 -3.12
C HIS C 80 -23.65 -6.72 -2.35
N LEU C 81 -24.74 -6.00 -2.56
CA LEU C 81 -25.04 -4.79 -1.78
C LEU C 81 -26.44 -4.90 -1.18
N GLU C 82 -26.51 -4.99 0.14
CA GLU C 82 -27.78 -5.15 0.82
C GLU C 82 -28.31 -3.83 1.34
N MET C 83 -29.44 -3.39 0.81
CA MET C 83 -30.01 -2.11 1.17
C MET C 83 -31.23 -2.27 2.07
N SER C 84 -31.41 -1.34 3.00
CA SER C 84 -32.55 -1.36 3.90
C SER C 84 -32.93 0.06 4.30
N SER C 85 -34.21 0.29 4.57
CA SER C 85 -34.73 1.62 4.88
C SER C 85 -34.30 2.62 3.81
N LEU C 86 -34.48 2.23 2.55
CA LEU C 86 -34.09 3.06 1.42
C LEU C 86 -34.82 4.40 1.45
N ARG C 87 -34.11 5.46 1.05
CA ARG C 87 -34.70 6.78 0.95
C ARG C 87 -34.75 7.21 -0.51
N SER C 88 -35.32 8.38 -0.76
CA SER C 88 -35.41 8.91 -2.11
C SER C 88 -34.05 9.35 -2.61
N GLU C 89 -33.20 9.81 -1.69
CA GLU C 89 -31.87 10.28 -2.02
C GLU C 89 -30.98 9.15 -2.53
N ASP C 90 -31.44 7.92 -2.34
CA ASP C 90 -30.66 6.75 -2.70
C ASP C 90 -30.92 6.30 -4.15
N THR C 91 -31.72 7.09 -4.87
CA THR C 91 -32.05 6.74 -6.25
C THR C 91 -30.90 7.10 -7.19
N ALA C 92 -30.36 6.08 -7.84
CA ALA C 92 -29.27 6.27 -8.80
C ALA C 92 -28.98 4.97 -9.55
N MET C 93 -27.99 5.02 -10.43
CA MET C 93 -27.49 3.81 -11.08
C MET C 93 -26.24 3.33 -10.36
N TYR C 94 -26.31 2.11 -9.81
CA TYR C 94 -25.21 1.59 -9.00
C TYR C 94 -24.22 0.81 -9.85
N TYR C 95 -22.93 1.11 -9.65
CA TYR C 95 -21.87 0.50 -10.43
C TYR C 95 -21.03 -0.48 -9.62
N CYS C 96 -20.51 -1.49 -10.31
CA CYS C 96 -19.58 -2.46 -9.71
C CYS C 96 -18.19 -2.21 -10.29
N ALA C 97 -17.19 -2.08 -9.43
CA ALA C 97 -15.84 -1.74 -9.89
C ALA C 97 -14.73 -2.23 -8.97
N ARG C 98 -13.53 -2.36 -9.53
CA ARG C 98 -12.34 -2.75 -8.78
C ARG C 98 -11.19 -1.80 -9.10
N GLY C 99 -10.64 -1.15 -8.07
CA GLY C 99 -11.03 -1.38 -6.69
C GLY C 99 -10.00 -2.07 -5.82
N GLU C 100 -8.91 -2.53 -6.42
CA GLU C 100 -7.87 -3.21 -5.66
C GLU C 100 -6.75 -2.27 -5.22
N VAL C 101 -5.94 -1.81 -6.18
CA VAL C 101 -4.83 -0.92 -5.87
C VAL C 101 -5.31 0.53 -5.74
N ARG C 102 -5.08 1.11 -4.57
CA ARG C 102 -5.51 2.48 -4.31
C ARG C 102 -4.84 3.48 -5.25
N GLN C 103 -3.61 3.19 -5.63
CA GLN C 103 -2.84 4.10 -6.47
C GLN C 103 -3.24 3.98 -7.95
N ARG C 104 -3.87 2.87 -8.30
CA ARG C 104 -4.31 2.67 -9.68
C ARG C 104 -5.79 3.03 -9.87
N GLY C 105 -6.48 3.35 -8.78
CA GLY C 105 -7.90 3.66 -8.85
C GLY C 105 -8.74 2.45 -9.22
N PHE C 106 -9.82 2.69 -9.96
CA PHE C 106 -10.74 1.63 -10.35
C PHE C 106 -10.42 1.10 -11.75
N ASP C 107 -9.96 -0.16 -11.81
CA ASP C 107 -9.62 -0.81 -13.07
C ASP C 107 -10.79 -0.85 -14.04
N TYR C 108 -11.81 -1.64 -13.69
CA TYR C 108 -12.94 -1.88 -14.58
C TYR C 108 -14.27 -1.56 -13.92
N TRP C 109 -15.25 -1.17 -14.74
CA TRP C 109 -16.58 -0.86 -14.25
C TRP C 109 -17.62 -1.76 -14.93
N GLY C 110 -18.71 -2.04 -14.22
CA GLY C 110 -19.81 -2.78 -14.81
C GLY C 110 -20.65 -1.88 -15.68
N GLN C 111 -21.73 -2.42 -16.24
CA GLN C 111 -22.62 -1.62 -17.06
C GLN C 111 -23.57 -0.83 -16.17
N GLY C 112 -23.68 -1.25 -14.92
CA GLY C 112 -24.50 -0.56 -13.94
C GLY C 112 -25.94 -1.06 -13.89
N THR C 113 -26.54 -0.96 -12.72
CA THR C 113 -27.94 -1.33 -12.53
C THR C 113 -28.70 -0.18 -11.86
N THR C 114 -29.91 0.10 -12.34
CA THR C 114 -30.67 1.25 -11.89
C THR C 114 -31.59 0.94 -10.71
N LEU C 115 -31.60 1.84 -9.73
CA LEU C 115 -32.48 1.73 -8.58
C LEU C 115 -33.31 3.00 -8.41
N THR C 116 -34.63 2.84 -8.38
CA THR C 116 -35.53 3.98 -8.23
C THR C 116 -36.37 3.85 -6.97
N VAL C 117 -36.16 4.76 -6.03
CA VAL C 117 -36.94 4.78 -4.79
C VAL C 117 -38.00 5.87 -4.85
N SER C 118 -39.26 5.46 -4.94
CA SER C 118 -40.36 6.40 -5.05
C SER C 118 -41.65 5.84 -4.48
N SER C 119 -42.55 6.73 -4.10
CA SER C 119 -43.87 6.34 -3.63
C SER C 119 -44.83 6.25 -4.82
N ALA C 120 -44.36 6.71 -5.97
CA ALA C 120 -45.17 6.75 -7.18
C ALA C 120 -45.55 5.35 -7.65
N LYS C 121 -46.80 5.21 -8.08
CA LYS C 121 -47.31 3.94 -8.58
C LYS C 121 -46.89 3.72 -10.03
N THR C 122 -46.64 2.46 -10.38
CA THR C 122 -46.26 2.11 -11.74
C THR C 122 -47.43 2.30 -12.70
N THR C 123 -47.22 3.08 -13.76
CA THR C 123 -48.28 3.31 -14.74
C THR C 123 -47.75 3.12 -16.16
N ALA C 124 -48.60 2.57 -17.01
CA ALA C 124 -48.24 2.32 -18.41
C ALA C 124 -48.29 3.62 -19.21
N PRO C 125 -47.38 3.76 -20.17
CA PRO C 125 -47.29 4.95 -21.03
C PRO C 125 -48.38 4.98 -22.09
N SER C 126 -48.80 6.18 -22.48
CA SER C 126 -49.76 6.33 -23.57
C SER C 126 -49.04 6.87 -24.81
N VAL C 127 -48.89 6.03 -25.81
CA VAL C 127 -48.18 6.41 -27.04
C VAL C 127 -49.11 7.12 -28.01
N TYR C 128 -48.70 8.29 -28.47
CA TYR C 128 -49.48 9.08 -29.41
C TYR C 128 -48.67 9.37 -30.67
N PRO C 129 -49.33 9.34 -31.84
CA PRO C 129 -48.65 9.63 -33.09
C PRO C 129 -48.49 11.11 -33.30
N LEU C 130 -47.44 11.53 -34.01
CA LEU C 130 -47.31 12.92 -34.38
C LEU C 130 -47.42 13.07 -35.90
N ALA C 131 -48.56 13.60 -36.34
CA ALA C 131 -48.83 13.77 -37.75
C ALA C 131 -48.75 15.25 -38.13
N PRO C 132 -47.92 15.57 -39.13
CA PRO C 132 -47.68 16.96 -39.56
C PRO C 132 -48.98 17.70 -39.91
N VAL C 133 -49.01 18.99 -39.64
CA VAL C 133 -50.19 19.81 -39.94
C VAL C 133 -50.48 19.81 -41.42
N CYS C 134 -51.76 19.90 -41.78
CA CYS C 134 -52.16 19.78 -43.18
C CYS C 134 -52.67 21.07 -43.79
N GLY C 135 -51.86 21.67 -44.67
CA GLY C 135 -50.49 21.22 -44.84
C GLY C 135 -49.68 22.15 -45.72
N ASP C 136 -48.36 22.17 -45.49
CA ASP C 136 -47.44 22.93 -46.34
C ASP C 136 -46.78 22.00 -47.37
N THR C 137 -47.09 20.71 -47.26
CA THR C 137 -46.52 19.67 -48.09
C THR C 137 -44.98 19.67 -47.98
N THR C 138 -44.31 19.48 -49.12
CA THR C 138 -42.85 19.38 -49.17
C THR C 138 -42.32 19.99 -50.47
N GLY C 139 -41.07 20.43 -50.45
CA GLY C 139 -40.17 20.25 -49.32
C GLY C 139 -39.18 19.13 -49.56
N SER C 140 -37.97 19.26 -49.03
CA SER C 140 -36.92 18.27 -49.22
C SER C 140 -37.14 17.01 -48.39
N SER C 141 -37.57 17.20 -47.15
CA SER C 141 -37.78 16.08 -46.23
C SER C 141 -38.87 16.43 -45.24
N VAL C 142 -39.46 15.41 -44.63
CA VAL C 142 -40.54 15.61 -43.65
C VAL C 142 -40.21 14.91 -42.34
N THR C 143 -40.58 15.55 -41.23
CA THR C 143 -40.32 14.99 -39.91
C THR C 143 -41.60 14.49 -39.26
N LEU C 144 -41.53 13.32 -38.64
CA LEU C 144 -42.65 12.77 -37.88
C LEU C 144 -42.30 12.73 -36.41
N GLY C 145 -43.22 12.26 -35.58
CA GLY C 145 -42.99 12.21 -34.16
C GLY C 145 -43.79 11.16 -33.43
N CYS C 146 -43.31 10.76 -32.26
CA CYS C 146 -44.02 9.81 -31.42
C CYS C 146 -44.00 10.30 -29.97
N LEU C 147 -45.18 10.55 -29.41
CA LEU C 147 -45.27 11.09 -28.06
C LEU C 147 -45.60 10.01 -27.04
N VAL C 148 -44.66 9.77 -26.12
CA VAL C 148 -44.88 8.83 -25.04
C VAL C 148 -45.08 9.61 -23.73
N LYS C 149 -46.31 9.62 -23.23
CA LYS C 149 -46.67 10.49 -22.12
C LYS C 149 -47.28 9.75 -20.94
N GLY C 150 -46.98 10.23 -19.73
CA GLY C 150 -47.58 9.72 -18.52
C GLY C 150 -47.22 8.29 -18.16
N TYR C 151 -45.93 8.00 -18.07
CA TYR C 151 -45.48 6.67 -17.68
C TYR C 151 -44.49 6.72 -16.51
N PHE C 152 -44.28 5.57 -15.88
CA PHE C 152 -43.39 5.47 -14.73
C PHE C 152 -43.31 4.01 -14.26
N PRO C 153 -42.11 3.58 -13.86
CA PRO C 153 -40.87 4.35 -13.92
C PRO C 153 -40.13 4.17 -15.24
N GLU C 154 -38.93 4.75 -15.34
CA GLU C 154 -38.03 4.48 -16.45
C GLU C 154 -37.52 3.04 -16.39
N PRO C 155 -36.93 2.56 -17.49
CA PRO C 155 -36.81 3.22 -18.79
C PRO C 155 -37.92 2.82 -19.76
N VAL C 156 -37.84 3.36 -20.98
CA VAL C 156 -38.72 2.94 -22.06
C VAL C 156 -37.92 2.72 -23.33
N THR C 157 -38.30 1.72 -24.11
CA THR C 157 -37.60 1.39 -25.35
C THR C 157 -38.37 1.93 -26.56
N LEU C 158 -37.79 2.91 -27.23
CA LEU C 158 -38.43 3.53 -28.39
C LEU C 158 -37.55 3.41 -29.63
N THR C 159 -38.09 2.83 -30.68
CA THR C 159 -37.40 2.72 -31.95
C THR C 159 -38.33 3.05 -33.10
N TRP C 160 -37.84 2.91 -34.33
CA TRP C 160 -38.65 3.16 -35.51
C TRP C 160 -38.52 2.03 -36.52
N ASN C 161 -39.65 1.46 -36.91
CA ASN C 161 -39.65 0.31 -37.82
C ASN C 161 -38.83 -0.84 -37.26
N SER C 162 -38.96 -1.06 -35.96
CA SER C 162 -38.23 -2.11 -35.27
C SER C 162 -36.72 -1.89 -35.34
N GLY C 163 -36.31 -0.64 -35.17
CA GLY C 163 -34.90 -0.29 -35.18
C GLY C 163 -34.30 -0.23 -36.57
N SER C 164 -35.17 -0.19 -37.58
CA SER C 164 -34.72 -0.14 -38.96
C SER C 164 -34.15 1.24 -39.32
N LEU C 165 -34.74 2.29 -38.76
CA LEU C 165 -34.27 3.64 -39.02
C LEU C 165 -33.46 4.21 -37.87
N SER C 166 -32.14 4.30 -38.07
CA SER C 166 -31.27 5.00 -37.14
C SER C 166 -30.95 6.40 -37.63
N SER C 167 -31.45 6.73 -38.82
CA SER C 167 -31.09 7.98 -39.49
C SER C 167 -32.16 9.05 -39.30
N GLY C 168 -31.70 10.27 -39.01
CA GLY C 168 -32.60 11.41 -38.81
C GLY C 168 -33.54 11.20 -37.65
N VAL C 169 -33.08 10.46 -36.64
CA VAL C 169 -33.91 10.12 -35.50
C VAL C 169 -33.41 10.79 -34.22
N HIS C 170 -34.28 11.56 -33.58
CA HIS C 170 -33.96 12.18 -32.31
C HIS C 170 -34.93 11.69 -31.22
N THR C 171 -34.41 10.93 -30.27
CA THR C 171 -35.21 10.48 -29.13
C THR C 171 -34.84 11.27 -27.89
N PHE C 172 -35.75 12.13 -27.45
CA PHE C 172 -35.49 13.01 -26.32
C PHE C 172 -35.59 12.27 -25.00
N PRO C 173 -34.71 12.60 -24.05
CA PRO C 173 -34.73 12.00 -22.72
C PRO C 173 -36.03 12.32 -21.98
N ALA C 174 -36.49 11.40 -21.14
CA ALA C 174 -37.73 11.58 -20.40
C ALA C 174 -37.63 12.73 -19.42
N VAL C 175 -38.75 13.35 -19.12
CA VAL C 175 -38.81 14.44 -18.16
C VAL C 175 -39.89 14.14 -17.11
N LEU C 176 -39.46 13.98 -15.87
CA LEU C 176 -40.38 13.62 -14.79
C LEU C 176 -41.16 14.83 -14.28
N GLN C 177 -42.48 14.76 -14.37
CA GLN C 177 -43.35 15.81 -13.87
C GLN C 177 -44.53 15.23 -13.10
N SER C 178 -44.61 15.58 -11.81
CA SER C 178 -45.67 15.07 -10.93
C SER C 178 -45.73 13.54 -10.93
N ASP C 179 -44.58 12.92 -10.71
CA ASP C 179 -44.47 11.46 -10.63
C ASP C 179 -44.86 10.77 -11.94
N LEU C 180 -44.68 11.47 -13.05
CA LEU C 180 -44.95 10.90 -14.37
C LEU C 180 -43.92 11.33 -15.41
N TYR C 181 -43.42 10.36 -16.17
CA TYR C 181 -42.45 10.64 -17.23
C TYR C 181 -43.14 10.91 -18.56
N THR C 182 -42.67 11.92 -19.28
CA THR C 182 -43.17 12.22 -20.61
C THR C 182 -42.01 12.22 -21.60
N LEU C 183 -42.15 11.45 -22.67
CA LEU C 183 -41.07 11.28 -23.64
C LEU C 183 -41.59 11.45 -25.06
N SER C 184 -40.74 11.98 -25.94
CA SER C 184 -41.10 12.16 -27.34
C SER C 184 -39.92 11.85 -28.24
N SER C 185 -40.20 11.48 -29.49
CA SER C 185 -39.16 11.15 -30.46
C SER C 185 -39.53 11.67 -31.84
N SER C 186 -38.55 12.25 -32.53
CA SER C 186 -38.77 12.75 -33.87
C SER C 186 -37.90 12.02 -34.89
N VAL C 187 -38.48 11.72 -36.04
CA VAL C 187 -37.75 11.07 -37.12
C VAL C 187 -37.93 11.85 -38.41
N THR C 188 -36.84 12.03 -39.16
CA THR C 188 -36.88 12.80 -40.39
C THR C 188 -36.61 11.93 -41.60
N VAL C 189 -37.63 11.75 -42.44
CA VAL C 189 -37.49 10.99 -43.67
C VAL C 189 -37.84 11.86 -44.87
N THR C 190 -37.36 11.46 -46.05
CA THR C 190 -37.59 12.23 -47.26
C THR C 190 -39.07 12.25 -47.62
N SER C 191 -39.47 13.27 -48.37
CA SER C 191 -40.86 13.45 -48.79
C SER C 191 -41.37 12.26 -49.60
N SER C 192 -40.47 11.60 -50.31
CA SER C 192 -40.82 10.45 -51.12
C SER C 192 -40.85 9.16 -50.29
N THR C 193 -40.26 9.22 -49.10
CA THR C 193 -40.21 8.06 -48.21
C THR C 193 -41.53 7.85 -47.48
N TRP C 194 -42.22 8.95 -47.19
CA TRP C 194 -43.48 8.90 -46.46
C TRP C 194 -44.46 9.94 -46.98
N PRO C 195 -45.76 9.60 -46.99
CA PRO C 195 -46.28 8.29 -46.61
C PRO C 195 -46.32 7.29 -47.76
N SER C 196 -45.22 7.14 -48.48
CA SER C 196 -45.14 6.15 -49.55
C SER C 196 -44.88 4.78 -48.95
N GLN C 197 -44.13 4.78 -47.85
CA GLN C 197 -43.81 3.56 -47.12
C GLN C 197 -44.36 3.62 -45.70
N SER C 198 -44.12 2.57 -44.91
CA SER C 198 -44.67 2.50 -43.57
C SER C 198 -43.66 2.96 -42.51
N ILE C 199 -43.99 4.07 -41.85
CA ILE C 199 -43.18 4.57 -40.74
C ILE C 199 -43.87 4.26 -39.41
N THR C 200 -43.28 3.36 -38.63
CA THR C 200 -43.90 2.90 -37.40
C THR C 200 -43.08 3.24 -36.16
N CYS C 201 -43.77 3.72 -35.13
CA CYS C 201 -43.14 4.01 -33.84
C CYS C 201 -43.53 2.95 -32.82
N ASN C 202 -42.57 2.12 -32.44
CA ASN C 202 -42.82 1.05 -31.48
C ASN C 202 -42.16 1.33 -30.13
N VAL C 203 -42.98 1.38 -29.09
CA VAL C 203 -42.50 1.67 -27.74
C VAL C 203 -42.59 0.44 -26.84
N ALA C 204 -41.60 0.27 -25.97
CA ALA C 204 -41.58 -0.85 -25.04
C ALA C 204 -41.38 -0.36 -23.60
N HIS C 205 -42.35 -0.67 -22.75
CA HIS C 205 -42.29 -0.30 -21.34
C HIS C 205 -42.42 -1.55 -20.46
N PRO C 206 -41.28 -2.20 -20.18
CA PRO C 206 -41.19 -3.47 -19.45
C PRO C 206 -41.89 -3.48 -18.09
N ALA C 207 -41.82 -2.36 -17.38
CA ALA C 207 -42.38 -2.27 -16.03
C ALA C 207 -43.86 -2.59 -16.00
N SER C 208 -44.61 -2.03 -16.93
CA SER C 208 -46.06 -2.23 -16.99
C SER C 208 -46.43 -3.37 -17.92
N SER C 209 -45.42 -4.04 -18.46
CA SER C 209 -45.62 -5.12 -19.44
C SER C 209 -46.29 -4.56 -20.69
N THR C 210 -45.92 -3.34 -21.06
CA THR C 210 -46.53 -2.67 -22.19
C THR C 210 -45.64 -2.70 -23.43
N LYS C 211 -46.06 -3.46 -24.44
CA LYS C 211 -45.39 -3.46 -25.72
C LYS C 211 -46.35 -2.99 -26.80
N VAL C 212 -46.11 -1.80 -27.34
CA VAL C 212 -47.02 -1.20 -28.31
C VAL C 212 -46.30 -0.61 -29.50
N ASP C 213 -46.59 -1.13 -30.69
CA ASP C 213 -46.09 -0.53 -31.92
C ASP C 213 -47.12 0.48 -32.40
N LYS C 214 -46.81 1.21 -33.46
CA LYS C 214 -47.72 2.26 -33.92
C LYS C 214 -47.54 2.59 -35.41
N LYS C 215 -48.61 3.11 -36.01
CA LYS C 215 -48.58 3.55 -37.41
C LYS C 215 -49.02 5.00 -37.51
N ILE C 216 -48.28 5.78 -38.30
CA ILE C 216 -48.56 7.21 -38.42
C ILE C 216 -49.24 7.55 -39.74
N GLU C 217 -50.49 8.00 -39.66
CA GLU C 217 -51.23 8.42 -40.85
C GLU C 217 -51.64 9.88 -40.73
N PRO C 218 -51.62 10.61 -41.87
CA PRO C 218 -51.97 12.03 -41.89
C PRO C 218 -53.48 12.26 -42.00
N ARG C 219 -54.24 11.66 -41.11
CA ARG C 219 -55.70 11.80 -41.12
C ARG C 219 -56.14 13.02 -40.34
C1 GLC D . 40.81 2.21 34.26
C2 GLC D . 41.81 1.74 35.29
C3 GLC D . 43.15 2.47 35.16
C4 GLC D . 43.62 2.45 33.70
C5 GLC D . 42.50 2.93 32.79
C6 GLC D . 42.93 2.89 31.32
O1 GLC D . 40.43 3.55 34.53
O2 GLC D . 41.29 1.95 36.59
O3 GLC D . 44.11 1.87 35.98
O4 GLC D . 44.76 3.26 33.57
O5 GLC D . 41.36 2.12 32.96
O6 GLC D . 44.05 3.72 31.13
C1 GLC D . 45.98 2.62 33.23
C2 GLC D . 46.92 2.63 34.42
C3 GLC D . 47.89 3.81 34.32
C4 GLC D . 47.20 5.03 33.72
C5 GLC D . 46.63 4.69 32.34
C6 GLC D . 47.48 5.33 31.24
O2 GLC D . 46.19 2.72 35.62
O3 GLC D . 48.99 3.44 33.51
O4 GLC D . 46.16 5.44 34.57
O5 GLC D . 46.58 3.29 32.15
O6 GLC D . 48.84 5.04 31.47
N B40 E . 22.02 -8.21 14.64
CA B40 E . 21.52 -8.67 15.95
C B40 E . 22.16 -10.01 16.29
CB B40 E . 21.84 -7.63 17.01
CG B40 E . 20.99 -7.87 18.24
CD1 B40 E . 21.33 -7.26 19.44
CD2 B40 E . 19.87 -8.69 18.17
CE1 B40 E . 20.54 -7.47 20.57
CE2 B40 E . 19.08 -8.90 19.29
CZ B40 E . 19.43 -8.29 20.50
CM B40 E . 21.37 -6.93 14.30
NA NA F . 23.57 -5.62 9.90
NA NA G . 23.43 -0.54 16.13
CL CL H . 25.92 -7.29 5.99
C1 NAG I . 49.81 11.17 27.48
C2 NAG I . 50.38 10.87 28.86
C3 NAG I . 49.25 10.86 29.88
C4 NAG I . 48.39 12.11 29.75
C5 NAG I . 48.02 12.38 28.30
C6 NAG I . 47.29 13.70 28.08
C7 NAG I . 52.18 9.32 29.59
C8 NAG I . 52.72 10.45 30.43
N2 NAG I . 51.08 9.59 28.86
O3 NAG I . 49.77 10.74 31.20
O4 NAG I . 47.19 11.95 30.50
O5 NAG I . 49.20 12.42 27.50
O6 NAG I . 45.98 13.68 28.62
O7 NAG I . 52.72 8.22 29.56
H1 NAG I . 49.14 10.49 27.26
H2 NAG I . 51.01 11.58 29.10
H3 NAG I . 48.68 10.08 29.70
H4 NAG I . 48.88 12.88 30.10
H5 NAG I . 47.44 11.66 27.97
H61 NAG I . 47.25 13.88 27.12
H62 NAG I . 47.82 14.41 28.51
H81 NAG I . 53.49 10.12 30.94
H82 NAG I . 52.03 10.75 31.04
H83 NAG I . 53.00 11.18 29.85
HN2 NAG I . 50.74 8.91 28.35
HO3 NAG I . 49.24 10.20 31.67
HO4 NAG I . 47.26 12.38 31.28
HO6 NAG I . 45.42 14.05 28.04
C1 CLR J . 17.57 10.76 6.98
C2 CLR J . 16.10 10.79 7.39
C3 CLR J . 15.26 10.17 6.28
C4 CLR J . 15.62 8.70 6.16
C5 CLR J . 17.11 8.51 6.01
C6 CLR J . 17.53 7.56 5.16
C7 CLR J . 18.91 7.56 4.55
C8 CLR J . 19.90 8.07 5.58
C9 CLR J . 19.44 9.42 6.12
C10 CLR J . 18.08 9.34 6.81
C11 CLR J . 20.47 10.07 7.04
C12 CLR J . 21.86 10.16 6.38
C13 CLR J . 22.27 8.75 5.97
C14 CLR J . 21.28 8.24 4.96
C15 CLR J . 21.94 7.00 4.37
C16 CLR J . 23.45 7.33 4.42
C17 CLR J . 23.58 8.63 5.21
C18 CLR J . 22.27 7.83 7.19
C19 CLR J . 18.25 8.68 8.18
C20 CLR J . 24.85 8.66 6.07
C21 CLR J . 24.76 9.65 7.22
C22 CLR J . 26.06 9.00 5.20
C23 CLR J . 26.95 7.79 4.95
C24 CLR J . 28.32 8.26 4.43
C25 CLR J . 29.26 7.09 4.20
C26 CLR J . 30.66 7.59 3.86
C27 CLR J . 28.73 6.17 3.11
O1 CLR J . 13.86 10.32 6.60
CAA Y01 K . 26.24 -4.62 -1.84
CBA Y01 K . 25.51 -3.28 -1.77
CAB Y01 K . 26.41 -2.16 -2.35
CAN Y01 K . 24.23 -3.39 -2.58
CAJ Y01 K . 23.25 -4.40 -1.91
CAO Y01 K . 22.40 -5.13 -3.00
CBB Y01 K . 20.84 -4.88 -2.74
CAC Y01 K . 20.65 -3.49 -2.14
CBE Y01 K . 20.25 -4.93 -3.94
CAP Y01 K . 20.96 -6.12 -4.83
CAQ Y01 K . 19.79 -7.03 -5.30
CBG Y01 K . 18.48 -6.15 -5.11
CBI Y01 K . 18.72 -5.47 -3.78
CAE Y01 K . 18.81 -6.58 -2.81
CAU Y01 K . 17.67 -4.64 -3.36
CAS Y01 K . 16.24 -5.40 -3.46
CBF Y01 K . 16.04 -5.85 -4.87
CBD Y01 K . 17.11 -6.80 -5.23
CAK Y01 K . 16.97 -7.34 -6.74
CAI Y01 K . 15.63 -7.90 -7.00
CAZ Y01 K . 14.32 -7.07 -6.34
CAV Y01 K . 12.96 -7.60 -6.67
CBH Y01 K . 14.51 -6.52 -5.05
CAD Y01 K . 14.36 -7.64 -4.00
CAT Y01 K . 13.49 -5.44 -4.76
CAR Y01 K . 12.06 -5.94 -5.06
CBC Y01 K . 11.93 -6.55 -6.46
OAW Y01 K . 10.69 -7.20 -6.55
CAY Y01 K . 9.65 -6.41 -7.12
OAG Y01 K . 9.61 -5.24 -6.92
CAM Y01 K . 8.58 -7.09 -7.96
CAL Y01 K . 7.52 -6.08 -8.36
CAX Y01 K . 7.35 -5.06 -7.28
OAH Y01 K . 7.81 -3.91 -7.42
OAF Y01 K . 6.73 -5.37 -6.22
#